data_5NZ4
#
_entry.id   5NZ4
#
_cell.length_a   119.458
_cell.length_b   137.576
_cell.length_c   118.610
_cell.angle_alpha   90.00
_cell.angle_beta   90.00
_cell.angle_gamma   90.00
#
_symmetry.space_group_name_H-M   'C 2 2 21'
#
loop_
_entity.id
_entity.type
_entity.pdbx_description
1 polymer neuraminidase
2 branched 2-acetamido-2-deoxy-beta-D-glucopyranose-(1-4)-2-acetamido-2-deoxy-beta-D-glucopyranose
3 branched alpha-D-mannopyranose-(1-3)-beta-D-mannopyranose-(1-4)-2-acetamido-2-deoxy-beta-D-glucopyranose-(1-4)-2-acetamido-2-deoxy-beta-D-glucopyranose
4 non-polymer 'CALCIUM ION'
5 non-polymer '(3R,4R,5S)-4-(acetylamino)-5-amino-3-(pentan-3-yloxy)cyclohex-1-ene-1-carboxylic acid'
6 non-polymer 2-acetamido-2-deoxy-beta-D-glucopyranose
7 non-polymer 1,2-ETHANEDIOL
8 water water
#
_entity_poly.entity_id   1
_entity_poly.type   'polypeptide(L)'
_entity_poly.pdbx_seq_one_letter_code
;SVKLAGNSSLCPVSGWAIYSKDNSVRIGSKGDVFVIREPFISCSPLECRTFFLTQGALLNDKHSNGTIKDRSPYRTLMSC
PIGEVPSPYNSRFESVAWSASACHDGINWLTIGISGPDNGAVAVLKYNGIITDTIKSWRNNVLRTQESECACVNGSCFTV
MTDGPSNGQASYKIFRIEKGKIVKSVEMNAPNYHYEECSCYPDSSEITCVCRDNWHGSNRPWVSFNQNLEYQIGYICSGI
FGDNPRPNDKTGSCGPVSSNGANGVKGFSFKYGNGVWIGRTKSISSRNGFEMIWDPNGWTGTDNNFSIKQDIVGINEWSG
YSGSFVQHPELTGLDCIRPCFWVELIRGRPKENTIWTSGSSISFCGVNSDTVGWSWPDGAELPFTIDK
;
_entity_poly.pdbx_strand_id   A,B
#
loop_
_chem_comp.id
_chem_comp.type
_chem_comp.name
_chem_comp.formula
BMA D-saccharide, beta linking beta-D-mannopyranose 'C6 H12 O6'
CA non-polymer 'CALCIUM ION' 'Ca 2'
EDO non-polymer 1,2-ETHANEDIOL 'C2 H6 O2'
G39 non-polymer '(3R,4R,5S)-4-(acetylamino)-5-amino-3-(pentan-3-yloxy)cyclohex-1-ene-1-carboxylic acid' 'C14 H24 N2 O4'
MAN D-saccharide, alpha linking alpha-D-mannopyranose 'C6 H12 O6'
NAG D-saccharide, beta linking 2-acetamido-2-deoxy-beta-D-glucopyranose 'C8 H15 N O6'
#
# COMPACT_ATOMS: atom_id res chain seq x y z
N SER A 1 33.19 -10.20 -10.52
CA SER A 1 31.68 -10.32 -10.35
C SER A 1 31.02 -8.96 -10.53
N VAL A 2 29.90 -8.96 -11.24
CA VAL A 2 29.16 -7.73 -11.59
C VAL A 2 27.65 -8.02 -11.33
N LYS A 3 26.93 -7.02 -10.84
CA LYS A 3 25.48 -7.16 -10.62
C LYS A 3 24.82 -7.47 -11.96
N LEU A 4 23.80 -8.33 -11.92
CA LEU A 4 22.92 -8.52 -13.07
C LEU A 4 22.18 -7.22 -13.37
N ALA A 5 22.17 -6.83 -14.63
CA ALA A 5 21.51 -5.56 -14.98
C ALA A 5 19.98 -5.65 -14.86
N GLY A 6 19.41 -6.68 -15.46
CA GLY A 6 17.99 -6.92 -15.42
C GLY A 6 17.16 -5.90 -16.21
N ASN A 7 17.78 -5.26 -17.19
CA ASN A 7 17.17 -4.17 -17.92
C ASN A 7 16.73 -4.50 -19.31
N SER A 8 17.07 -5.71 -19.80
CA SER A 8 16.57 -6.16 -21.10
C SER A 8 15.19 -6.76 -20.97
N SER A 9 14.53 -6.94 -22.12
CA SER A 9 13.20 -7.51 -22.15
C SER A 9 13.30 -9.04 -22.15
N LEU A 10 12.17 -9.70 -21.86
CA LEU A 10 12.13 -11.17 -22.00
C LEU A 10 12.27 -11.55 -23.44
N CYS A 11 13.01 -12.63 -23.68
CA CYS A 11 13.22 -13.13 -25.00
C CYS A 11 11.87 -13.66 -25.55
N PRO A 12 11.54 -13.34 -26.78
CA PRO A 12 10.35 -13.96 -27.37
C PRO A 12 10.65 -15.44 -27.62
N VAL A 13 9.63 -16.30 -27.45
CA VAL A 13 9.84 -17.71 -27.57
C VAL A 13 8.65 -18.37 -28.23
N SER A 14 8.97 -19.33 -29.07
CA SER A 14 7.95 -20.05 -29.80
C SER A 14 7.66 -21.43 -29.24
N GLY A 15 8.51 -21.92 -28.33
CA GLY A 15 8.36 -23.21 -27.76
C GLY A 15 9.40 -23.45 -26.67
N TRP A 16 9.35 -24.66 -26.11
CA TRP A 16 10.07 -24.99 -24.89
C TRP A 16 10.92 -26.24 -25.14
N ALA A 17 12.24 -26.05 -24.99
CA ALA A 17 13.19 -27.14 -25.21
C ALA A 17 13.53 -27.74 -23.83
N ILE A 18 13.58 -29.06 -23.74
CA ILE A 18 13.87 -29.67 -22.47
C ILE A 18 15.30 -29.41 -22.03
N TYR A 19 15.43 -29.06 -20.75
CA TYR A 19 16.67 -28.55 -20.15
C TYR A 19 17.21 -29.56 -19.10
N SER A 20 16.35 -30.09 -18.24
CA SER A 20 16.79 -31.06 -17.22
C SER A 20 15.73 -32.00 -16.79
N LYS A 21 16.18 -33.13 -16.23
CA LYS A 21 15.32 -34.07 -15.55
C LYS A 21 16.15 -34.84 -14.56
N ASP A 22 15.73 -34.92 -13.30
CA ASP A 22 16.57 -35.49 -12.22
C ASP A 22 16.29 -36.92 -11.90
N ASN A 23 15.06 -37.41 -12.16
CA ASN A 23 14.70 -38.79 -11.84
C ASN A 23 14.88 -39.13 -10.37
N SER A 24 14.61 -38.17 -9.47
CA SER A 24 15.00 -38.35 -8.08
C SER A 24 14.34 -39.50 -7.42
N VAL A 25 13.03 -39.68 -7.69
CA VAL A 25 12.27 -40.68 -6.96
C VAL A 25 12.69 -42.07 -7.43
N ARG A 26 12.81 -42.26 -8.75
CA ARG A 26 13.37 -43.49 -9.29
C ARG A 26 14.71 -43.85 -8.65
N ILE A 27 15.60 -42.86 -8.59
CA ILE A 27 16.97 -43.10 -8.10
C ILE A 27 16.93 -43.38 -6.58
N GLY A 28 16.06 -42.66 -5.85
CA GLY A 28 15.92 -42.81 -4.41
C GLY A 28 15.37 -44.12 -3.93
N SER A 29 14.80 -44.95 -4.82
CA SER A 29 14.41 -46.33 -4.48
C SER A 29 15.59 -47.12 -3.92
N LYS A 30 16.81 -46.76 -4.38
CA LYS A 30 18.04 -47.39 -3.86
C LYS A 30 19.04 -46.38 -3.30
N GLY A 31 19.27 -45.26 -3.98
CA GLY A 31 20.30 -44.31 -3.60
C GLY A 31 19.82 -43.45 -2.43
N ASP A 32 20.71 -42.63 -1.94
CA ASP A 32 20.44 -41.81 -0.76
C ASP A 32 20.01 -40.43 -1.25
N VAL A 33 18.71 -40.33 -1.41
CA VAL A 33 18.05 -39.16 -2.00
C VAL A 33 17.10 -38.57 -0.95
N PHE A 34 17.17 -37.26 -0.75
CA PHE A 34 16.26 -36.61 0.20
C PHE A 34 14.79 -36.76 -0.25
N VAL A 35 13.91 -36.97 0.70
CA VAL A 35 12.49 -36.65 0.56
C VAL A 35 12.41 -35.11 0.45
N ILE A 36 11.81 -34.63 -0.61
CA ILE A 36 11.67 -33.20 -0.84
C ILE A 36 10.32 -32.83 -1.39
N ARG A 37 9.96 -31.57 -1.21
CA ARG A 37 8.91 -30.95 -2.02
C ARG A 37 9.28 -29.50 -2.19
N GLU A 38 8.50 -28.76 -2.99
CA GLU A 38 8.69 -27.37 -3.24
C GLU A 38 10.09 -27.12 -3.83
N PRO A 39 10.45 -27.90 -4.89
CA PRO A 39 11.69 -27.58 -5.56
C PRO A 39 11.58 -26.33 -6.40
N PHE A 40 12.72 -25.73 -6.74
CA PHE A 40 12.72 -24.66 -7.72
C PHE A 40 14.13 -24.51 -8.31
N ILE A 41 14.23 -23.87 -9.46
CA ILE A 41 15.52 -23.61 -10.09
CA ILE A 41 15.53 -23.61 -10.05
C ILE A 41 15.88 -22.14 -9.99
N SER A 42 17.17 -21.81 -9.85
CA SER A 42 17.62 -20.46 -9.92
C SER A 42 19.07 -20.48 -10.40
N CYS A 43 19.46 -19.43 -11.12
CA CYS A 43 20.79 -19.37 -11.73
C CYS A 43 21.60 -18.18 -11.27
N SER A 44 22.90 -18.39 -11.31
CA SER A 44 23.86 -17.33 -11.13
C SER A 44 24.39 -16.94 -12.53
N PRO A 45 25.38 -16.04 -12.61
CA PRO A 45 26.01 -15.82 -13.92
C PRO A 45 26.85 -16.97 -14.42
N LEU A 46 27.07 -17.99 -13.58
CA LEU A 46 27.89 -19.19 -13.94
C LEU A 46 27.18 -20.55 -13.94
N GLU A 47 26.09 -20.74 -13.19
CA GLU A 47 25.49 -22.07 -13.12
C GLU A 47 24.04 -21.98 -12.67
N CYS A 48 23.30 -23.02 -12.90
CA CYS A 48 21.94 -23.15 -12.39
C CYS A 48 21.87 -24.23 -11.35
N ARG A 49 21.04 -23.99 -10.32
CA ARG A 49 20.92 -24.87 -9.20
C ARG A 49 19.47 -25.20 -8.94
N THR A 50 19.23 -26.37 -8.39
CA THR A 50 17.90 -26.77 -7.91
C THR A 50 17.91 -26.52 -6.43
N PHE A 51 16.98 -25.72 -5.92
CA PHE A 51 16.73 -25.54 -4.52
C PHE A 51 15.54 -26.38 -4.11
N PHE A 52 15.42 -26.78 -2.85
CA PHE A 52 14.32 -27.61 -2.44
C PHE A 52 14.20 -27.65 -0.93
N LEU A 53 13.01 -27.99 -0.45
CA LEU A 53 12.74 -28.12 0.97
C LEU A 53 12.82 -29.62 1.28
N THR A 54 13.88 -30.00 1.97
CA THR A 54 13.95 -31.38 2.45
C THR A 54 12.93 -31.58 3.58
N GLN A 55 12.77 -32.86 3.96
CA GLN A 55 12.03 -33.27 5.14
C GLN A 55 12.96 -33.89 6.16
N GLY A 56 14.27 -33.63 6.03
CA GLY A 56 15.18 -34.17 7.02
C GLY A 56 15.22 -35.67 7.02
N ALA A 57 14.99 -36.27 5.85
CA ALA A 57 14.80 -37.72 5.71
C ALA A 57 15.17 -38.16 4.31
N LEU A 58 15.48 -39.45 4.15
CA LEU A 58 15.74 -40.05 2.86
C LEU A 58 14.61 -40.95 2.41
N LEU A 59 14.47 -41.01 1.09
CA LEU A 59 13.51 -41.91 0.49
C LEU A 59 13.78 -43.37 0.89
N ASN A 60 12.70 -44.14 1.06
CA ASN A 60 12.78 -45.54 1.40
C ASN A 60 13.36 -45.83 2.77
N ASP A 61 13.29 -44.84 3.65
CA ASP A 61 13.63 -44.97 5.06
C ASP A 61 12.42 -44.64 5.90
N LYS A 62 12.39 -45.18 7.09
CA LYS A 62 11.25 -44.94 8.00
C LYS A 62 11.00 -43.48 8.34
N HIS A 63 12.04 -42.67 8.34
CA HIS A 63 11.83 -41.27 8.69
C HIS A 63 11.09 -40.45 7.62
N SER A 64 10.91 -41.06 6.46
CA SER A 64 10.05 -40.48 5.42
C SER A 64 8.52 -40.58 5.77
N ASN A 65 8.18 -41.28 6.85
CA ASN A 65 6.77 -41.42 7.28
C ASN A 65 6.24 -40.04 7.62
N GLY A 66 5.02 -39.78 7.18
CA GLY A 66 4.32 -38.55 7.59
C GLY A 66 4.69 -37.31 6.82
N THR A 67 5.45 -37.47 5.73
CA THR A 67 5.94 -36.33 4.98
C THR A 67 4.94 -35.61 4.05
N ILE A 68 3.67 -36.02 4.11
CA ILE A 68 2.58 -35.16 3.64
C ILE A 68 2.53 -33.85 4.47
N LYS A 69 3.03 -33.86 5.70
CA LYS A 69 2.98 -32.70 6.58
C LYS A 69 3.86 -31.58 6.03
N ASP A 70 3.32 -30.36 5.98
CA ASP A 70 4.02 -29.24 5.35
C ASP A 70 5.11 -28.62 6.20
N ARG A 71 4.86 -28.42 7.51
CA ARG A 71 5.73 -27.59 8.31
C ARG A 71 6.19 -28.39 9.52
N SER A 72 7.51 -28.38 9.72
CA SER A 72 8.13 -29.09 10.86
C SER A 72 9.48 -28.39 11.10
N PRO A 73 10.08 -28.69 12.28
CA PRO A 73 11.42 -28.18 12.53
C PRO A 73 12.52 -28.92 11.83
N TYR A 74 12.22 -30.01 11.12
CA TYR A 74 13.23 -30.76 10.42
C TYR A 74 13.46 -30.30 9.00
N ARG A 75 12.55 -29.49 8.45
CA ARG A 75 12.67 -29.12 7.04
C ARG A 75 13.82 -28.09 6.82
N THR A 76 14.60 -28.28 5.76
CA THR A 76 15.71 -27.41 5.46
C THR A 76 15.73 -27.08 4.00
N LEU A 77 16.07 -25.83 3.70
CA LEU A 77 16.34 -25.46 2.33
C LEU A 77 17.77 -25.84 1.99
N MET A 78 17.92 -26.58 0.90
CA MET A 78 19.25 -27.02 0.40
C MET A 78 19.21 -26.88 -1.12
N SER A 79 20.40 -26.99 -1.74
CA SER A 79 20.47 -26.89 -3.20
C SER A 79 21.53 -27.78 -3.78
N CYS A 80 21.36 -28.13 -5.02
CA CYS A 80 22.32 -28.99 -5.74
C CYS A 80 22.34 -28.55 -7.19
N PRO A 81 23.38 -28.98 -7.97
CA PRO A 81 23.37 -28.61 -9.38
C PRO A 81 22.14 -29.12 -10.11
N ILE A 82 21.67 -28.33 -11.08
CA ILE A 82 20.49 -28.69 -11.82
C ILE A 82 20.64 -30.08 -12.44
N GLY A 83 19.56 -30.84 -12.36
CA GLY A 83 19.50 -32.17 -12.98
C GLY A 83 20.06 -33.32 -12.15
N GLU A 84 20.79 -33.02 -11.07
CA GLU A 84 21.32 -34.04 -10.17
C GLU A 84 20.24 -34.36 -9.12
N VAL A 85 20.24 -35.57 -8.59
CA VAL A 85 19.32 -35.90 -7.52
C VAL A 85 19.74 -35.17 -6.25
N PRO A 86 18.79 -34.75 -5.42
CA PRO A 86 19.16 -34.07 -4.15
C PRO A 86 19.59 -35.16 -3.15
N SER A 87 20.89 -35.24 -2.91
CA SER A 87 21.44 -36.18 -1.96
C SER A 87 22.24 -35.44 -0.87
N PRO A 88 22.38 -36.06 0.31
CA PRO A 88 23.27 -35.53 1.32
C PRO A 88 24.72 -35.42 0.82
N TYR A 89 25.03 -36.13 -0.26
CA TYR A 89 26.40 -36.15 -0.75
C TYR A 89 26.70 -35.16 -1.85
N ASN A 90 25.68 -34.48 -2.35
CA ASN A 90 25.88 -33.42 -3.34
C ASN A 90 25.17 -32.12 -3.05
N SER A 91 24.51 -32.02 -1.89
CA SER A 91 23.70 -30.84 -1.61
C SER A 91 24.31 -29.85 -0.63
N ARG A 92 24.27 -28.58 -1.01
CA ARG A 92 24.68 -27.45 -0.16
CA ARG A 92 24.68 -27.47 -0.16
C ARG A 92 23.53 -27.12 0.82
N PHE A 93 23.90 -26.94 2.08
CA PHE A 93 22.92 -26.51 3.07
C PHE A 93 22.71 -25.01 2.91
N GLU A 94 21.45 -24.59 2.89
CA GLU A 94 21.16 -23.13 2.72
C GLU A 94 20.57 -22.55 4.03
N SER A 95 19.45 -23.08 4.50
CA SER A 95 18.71 -22.47 5.64
C SER A 95 17.79 -23.51 6.27
N VAL A 96 17.38 -23.28 7.52
CA VAL A 96 16.32 -24.07 8.11
C VAL A 96 15.03 -23.44 7.63
N ALA A 97 14.13 -24.23 7.02
CA ALA A 97 12.97 -23.62 6.32
C ALA A 97 11.91 -24.62 5.99
N TRP A 98 10.65 -24.20 6.20
CA TRP A 98 9.50 -24.86 5.63
C TRP A 98 8.79 -24.05 4.53
N SER A 99 9.33 -22.89 4.20
CA SER A 99 8.96 -22.05 3.03
C SER A 99 10.19 -21.24 2.68
N ALA A 100 10.37 -20.99 1.37
CA ALA A 100 11.64 -20.42 0.95
C ALA A 100 11.58 -19.62 -0.38
N SER A 101 12.65 -18.89 -0.62
CA SER A 101 12.95 -18.33 -1.91
C SER A 101 14.48 -18.17 -1.99
N ALA A 102 14.99 -18.00 -3.20
CA ALA A 102 16.41 -17.69 -3.38
C ALA A 102 16.64 -17.03 -4.71
N CYS A 103 17.71 -16.27 -4.86
CA CYS A 103 18.06 -15.66 -6.13
C CYS A 103 19.48 -15.09 -6.01
N HIS A 104 20.14 -14.98 -7.14
CA HIS A 104 21.53 -14.50 -7.22
C HIS A 104 21.52 -13.12 -7.86
N ASP A 105 22.16 -12.13 -7.27
CA ASP A 105 22.14 -10.78 -7.78
C ASP A 105 23.26 -10.45 -8.79
N GLY A 106 24.05 -11.46 -9.12
CA GLY A 106 25.27 -11.34 -9.91
C GLY A 106 26.53 -11.46 -9.10
N ILE A 107 26.43 -11.16 -7.82
CA ILE A 107 27.57 -11.17 -6.87
C ILE A 107 27.46 -12.38 -5.94
N ASN A 108 26.36 -12.48 -5.21
CA ASN A 108 26.13 -13.57 -4.27
C ASN A 108 24.68 -14.07 -4.21
N TRP A 109 24.50 -15.25 -3.67
CA TRP A 109 23.17 -15.80 -3.42
C TRP A 109 22.49 -15.10 -2.23
N LEU A 110 21.21 -14.79 -2.43
CA LEU A 110 20.27 -14.48 -1.39
C LEU A 110 19.42 -15.71 -1.18
N THR A 111 19.30 -16.18 0.06
CA THR A 111 18.32 -17.18 0.42
C THR A 111 17.44 -16.63 1.49
N ILE A 112 16.18 -17.06 1.44
CA ILE A 112 15.14 -16.70 2.41
C ILE A 112 14.54 -17.99 2.90
N GLY A 113 14.66 -18.25 4.20
CA GLY A 113 14.13 -19.48 4.79
C GLY A 113 13.24 -19.15 5.96
N ILE A 114 12.00 -19.61 5.93
CA ILE A 114 11.07 -19.32 7.03
C ILE A 114 10.91 -20.59 7.87
N SER A 115 11.09 -20.44 9.19
CA SER A 115 10.89 -21.51 10.15
C SER A 115 10.22 -20.92 11.42
N GLY A 116 10.05 -21.77 12.43
CA GLY A 116 9.37 -21.36 13.64
C GLY A 116 7.92 -21.80 13.64
N PRO A 117 7.21 -21.40 14.67
CA PRO A 117 5.82 -21.82 14.86
C PRO A 117 4.86 -21.09 13.88
N ASP A 118 3.69 -21.72 13.64
CA ASP A 118 2.72 -21.10 12.76
C ASP A 118 2.27 -19.72 13.18
N ASN A 119 2.26 -19.45 14.48
CA ASN A 119 1.79 -18.16 15.00
C ASN A 119 2.83 -17.10 15.14
N GLY A 120 4.04 -17.36 14.71
CA GLY A 120 5.13 -16.41 14.89
C GLY A 120 6.36 -16.72 14.09
N ALA A 121 6.16 -17.15 12.85
CA ALA A 121 7.27 -17.60 12.02
C ALA A 121 8.21 -16.46 11.68
N VAL A 122 9.49 -16.79 11.40
CA VAL A 122 10.52 -15.82 11.09
C VAL A 122 11.26 -16.23 9.82
N ALA A 123 11.30 -15.33 8.86
CA ALA A 123 12.12 -15.49 7.69
C ALA A 123 13.52 -15.04 8.01
N VAL A 124 14.47 -15.90 7.72
CA VAL A 124 15.91 -15.61 7.88
C VAL A 124 16.47 -15.36 6.50
N LEU A 125 17.03 -14.18 6.28
CA LEU A 125 17.65 -13.83 5.02
C LEU A 125 19.15 -14.00 5.16
N LYS A 126 19.74 -14.70 4.19
CA LYS A 126 21.19 -14.83 4.11
C LYS A 126 21.68 -14.32 2.79
N TYR A 127 22.89 -13.73 2.82
CA TYR A 127 23.60 -13.29 1.61
C TYR A 127 24.98 -13.89 1.66
N ASN A 128 25.33 -14.71 0.67
CA ASN A 128 26.54 -15.55 0.73
C ASN A 128 26.61 -16.40 1.99
N GLY A 129 25.47 -16.91 2.43
CA GLY A 129 25.44 -17.84 3.55
C GLY A 129 25.53 -17.20 4.94
N ILE A 130 25.58 -15.86 5.01
CA ILE A 130 25.68 -15.16 6.29
C ILE A 130 24.32 -14.52 6.57
N ILE A 131 23.78 -14.61 7.78
CA ILE A 131 22.51 -13.96 8.10
C ILE A 131 22.67 -12.47 7.97
N THR A 132 21.81 -11.88 7.21
CA THR A 132 21.78 -10.45 6.96
C THR A 132 20.48 -9.72 7.41
N ASP A 133 19.39 -10.45 7.59
CA ASP A 133 18.18 -9.85 8.07
C ASP A 133 17.21 -10.90 8.51
N THR A 134 16.20 -10.48 9.25
CA THR A 134 15.06 -11.31 9.55
C THR A 134 13.78 -10.50 9.41
N ILE A 135 12.70 -11.17 9.14
CA ILE A 135 11.37 -10.54 9.21
C ILE A 135 10.40 -11.53 9.84
N LYS A 136 9.68 -11.05 10.86
CA LYS A 136 8.73 -11.88 11.56
C LYS A 136 7.31 -11.70 11.04
N SER A 137 6.55 -12.74 11.17
CA SER A 137 5.12 -12.76 10.93
C SER A 137 4.42 -11.52 11.48
N TRP A 138 3.67 -10.85 10.62
CA TRP A 138 2.95 -9.64 10.99
C TRP A 138 1.46 -9.85 11.17
N ARG A 139 0.96 -11.04 10.84
CA ARG A 139 -0.44 -11.44 11.06
C ARG A 139 -0.54 -12.72 11.88
N ASN A 140 0.60 -13.29 12.31
CA ASN A 140 0.61 -14.48 13.15
C ASN A 140 -0.12 -15.67 12.58
N ASN A 141 -0.03 -15.83 11.26
CA ASN A 141 -0.76 -16.92 10.61
C ASN A 141 -0.04 -17.47 9.37
N VAL A 142 0.98 -18.25 9.67
CA VAL A 142 1.84 -18.92 8.68
C VAL A 142 2.44 -17.92 7.70
N LEU A 143 3.38 -17.11 8.16
CA LEU A 143 4.22 -16.29 7.24
C LEU A 143 4.88 -17.23 6.24
N ARG A 144 4.76 -16.89 4.97
CA ARG A 144 5.13 -17.83 3.89
C ARG A 144 5.50 -17.07 2.64
N THR A 145 6.20 -17.75 1.73
CA THR A 145 6.72 -17.07 0.58
C THR A 145 6.67 -17.90 -0.73
N GLN A 146 7.52 -17.56 -1.69
CA GLN A 146 7.33 -17.95 -3.10
C GLN A 146 7.40 -19.44 -3.40
N GLU A 147 8.33 -20.14 -2.76
CA GLU A 147 8.74 -21.48 -3.20
C GLU A 147 9.26 -21.46 -4.65
N SER A 148 9.79 -20.33 -5.07
CA SER A 148 10.52 -20.24 -6.32
C SER A 148 11.46 -19.03 -6.26
N GLU A 149 12.21 -18.78 -7.30
CA GLU A 149 13.23 -17.78 -7.21
C GLU A 149 12.69 -16.35 -7.04
N CYS A 150 13.39 -15.56 -6.23
CA CYS A 150 13.16 -14.14 -6.23
C CYS A 150 13.76 -13.53 -7.51
N ALA A 151 13.62 -12.21 -7.70
CA ALA A 151 13.95 -11.59 -8.97
C ALA A 151 14.88 -10.43 -8.73
N CYS A 152 15.95 -10.29 -9.50
CA CYS A 152 16.97 -9.26 -9.24
C CYS A 152 17.16 -8.30 -10.47
N VAL A 153 17.25 -7.02 -10.18
CA VAL A 153 17.53 -5.96 -11.14
C VAL A 153 18.55 -5.02 -10.51
N ASN A 154 19.70 -4.86 -11.13
CA ASN A 154 20.68 -3.83 -10.73
C ASN A 154 21.02 -3.82 -9.24
N GLY A 155 21.25 -4.99 -8.67
CA GLY A 155 21.67 -5.10 -7.28
C GLY A 155 20.57 -5.11 -6.24
N SER A 156 19.30 -5.06 -6.66
CA SER A 156 18.16 -5.16 -5.77
C SER A 156 17.42 -6.40 -6.16
N CYS A 157 17.05 -7.20 -5.16
CA CYS A 157 16.23 -8.38 -5.38
C CYS A 157 14.90 -8.23 -4.66
N PHE A 158 13.90 -8.86 -5.22
CA PHE A 158 12.52 -8.66 -4.86
C PHE A 158 11.77 -9.94 -4.65
N THR A 159 10.89 -9.96 -3.65
CA THR A 159 10.07 -11.08 -3.32
C THR A 159 8.73 -10.64 -2.77
N VAL A 160 7.83 -11.60 -2.63
CA VAL A 160 6.50 -11.40 -2.03
C VAL A 160 6.31 -12.41 -0.95
N MET A 161 5.72 -11.97 0.17
CA MET A 161 5.34 -12.86 1.27
C MET A 161 3.88 -12.64 1.65
N THR A 162 3.26 -13.67 2.14
CA THR A 162 1.87 -13.63 2.59
C THR A 162 1.80 -14.03 4.04
N ASP A 163 0.79 -13.50 4.76
CA ASP A 163 0.53 -13.87 6.15
C ASP A 163 -0.97 -13.72 6.36
N GLY A 164 -1.59 -14.74 6.90
CA GLY A 164 -3.05 -14.77 7.08
C GLY A 164 -3.66 -15.98 6.44
N PRO A 165 -5.00 -16.04 6.38
CA PRO A 165 -5.68 -17.22 5.89
C PRO A 165 -5.34 -17.66 4.46
N SER A 166 -5.35 -18.97 4.23
CA SER A 166 -5.25 -19.50 2.85
C SER A 166 -6.61 -19.75 2.26
N ASN A 167 -7.69 -19.39 2.98
CA ASN A 167 -9.08 -19.66 2.54
C ASN A 167 -9.97 -18.40 2.72
N GLY A 168 -9.33 -17.26 2.68
CA GLY A 168 -9.97 -15.95 2.81
C GLY A 168 -9.00 -14.83 2.65
N GLN A 169 -9.46 -13.61 2.84
CA GLN A 169 -8.56 -12.48 2.69
C GLN A 169 -7.34 -12.61 3.58
N ALA A 170 -6.16 -12.39 2.98
CA ALA A 170 -4.91 -12.32 3.75
C ALA A 170 -4.18 -11.05 3.44
N SER A 171 -2.90 -10.94 3.87
CA SER A 171 -2.10 -9.77 3.76
C SER A 171 -0.87 -10.17 2.95
N TYR A 172 -0.52 -9.30 2.00
CA TYR A 172 0.52 -9.61 1.03
C TYR A 172 1.50 -8.44 1.04
N LYS A 173 2.81 -8.70 1.13
CA LYS A 173 3.83 -7.67 1.15
C LYS A 173 4.90 -7.91 0.11
N ILE A 174 5.34 -6.82 -0.52
CA ILE A 174 6.46 -6.82 -1.44
C ILE A 174 7.71 -6.31 -0.74
N PHE A 175 8.89 -6.92 -1.01
CA PHE A 175 10.14 -6.55 -0.38
C PHE A 175 11.18 -6.23 -1.40
N ARG A 176 11.96 -5.19 -1.17
CA ARG A 176 13.19 -4.91 -1.89
C ARG A 176 14.37 -5.18 -0.98
N ILE A 177 15.33 -6.00 -1.46
CA ILE A 177 16.41 -6.51 -0.68
C ILE A 177 17.72 -6.20 -1.42
N GLU A 178 18.68 -5.68 -0.69
CA GLU A 178 20.01 -5.32 -1.24
C GLU A 178 21.06 -5.95 -0.32
N LYS A 179 21.91 -6.81 -0.88
CA LYS A 179 22.92 -7.54 -0.12
C LYS A 179 22.28 -8.24 1.08
N GLY A 180 21.09 -8.81 0.87
CA GLY A 180 20.40 -9.53 1.93
C GLY A 180 19.73 -8.70 3.03
N LYS A 181 19.71 -7.37 2.86
CA LYS A 181 19.07 -6.48 3.82
C LYS A 181 17.78 -5.92 3.20
N ILE A 182 16.67 -5.99 3.95
CA ILE A 182 15.44 -5.35 3.49
C ILE A 182 15.62 -3.84 3.54
N VAL A 183 15.49 -3.18 2.40
CA VAL A 183 15.61 -1.74 2.27
C VAL A 183 14.27 -1.02 2.03
N LYS A 184 13.25 -1.74 1.56
CA LYS A 184 11.91 -1.20 1.38
C LYS A 184 10.94 -2.36 1.42
N SER A 185 9.73 -2.09 1.89
CA SER A 185 8.61 -3.00 1.77
C SER A 185 7.33 -2.21 1.69
N VAL A 186 6.31 -2.84 1.12
CA VAL A 186 4.99 -2.26 1.08
C VAL A 186 3.94 -3.34 1.15
N GLU A 187 2.83 -3.07 1.83
CA GLU A 187 1.69 -3.93 1.84
C GLU A 187 0.80 -3.63 0.65
N MET A 188 0.57 -4.66 -0.14
CA MET A 188 -0.33 -4.56 -1.26
C MET A 188 -1.77 -4.34 -0.81
N ASN A 189 -2.39 -3.27 -1.38
CA ASN A 189 -3.80 -3.02 -1.06
C ASN A 189 -4.65 -3.80 -2.08
N ALA A 190 -4.97 -5.03 -1.71
CA ALA A 190 -5.60 -5.98 -2.66
C ALA A 190 -6.85 -6.63 -2.08
N PRO A 191 -7.81 -5.80 -1.63
CA PRO A 191 -9.04 -6.40 -1.16
C PRO A 191 -9.72 -7.25 -2.23
N ASN A 192 -10.16 -8.45 -1.80
CA ASN A 192 -10.78 -9.43 -2.66
C ASN A 192 -9.84 -10.21 -3.53
N TYR A 193 -8.53 -9.91 -3.46
CA TYR A 193 -7.54 -10.74 -4.14
C TYR A 193 -6.92 -11.70 -3.13
N HIS A 194 -6.29 -12.76 -3.65
CA HIS A 194 -5.55 -13.70 -2.84
C HIS A 194 -4.26 -14.06 -3.58
N TYR A 195 -3.12 -13.87 -2.88
CA TYR A 195 -1.79 -14.15 -3.45
C TYR A 195 -1.04 -15.17 -2.60
N GLU A 196 -0.66 -16.26 -3.22
CA GLU A 196 0.15 -17.32 -2.61
C GLU A 196 1.27 -17.70 -3.63
N GLU A 197 2.47 -17.99 -3.10
CA GLU A 197 3.44 -18.75 -3.89
C GLU A 197 3.73 -18.11 -5.21
N CYS A 198 4.10 -16.84 -5.19
CA CYS A 198 4.34 -16.12 -6.41
C CYS A 198 5.56 -16.61 -7.21
N SER A 199 5.38 -16.67 -8.54
CA SER A 199 6.47 -16.87 -9.47
C SER A 199 6.81 -15.54 -10.10
N CYS A 200 7.97 -14.96 -9.74
CA CYS A 200 8.30 -13.61 -10.10
C CYS A 200 9.56 -13.58 -10.95
N TYR A 201 9.56 -12.78 -11.98
CA TYR A 201 10.70 -12.65 -12.87
C TYR A 201 10.90 -11.20 -13.27
N PRO A 202 12.14 -10.82 -13.64
CA PRO A 202 12.45 -9.51 -14.15
C PRO A 202 12.24 -9.37 -15.63
N ASP A 203 11.91 -8.15 -16.08
CA ASP A 203 11.60 -7.89 -17.48
C ASP A 203 11.65 -6.36 -17.64
N SER A 204 12.67 -5.86 -18.35
CA SER A 204 12.84 -4.42 -18.58
C SER A 204 12.81 -3.65 -17.29
N SER A 205 13.59 -4.12 -16.31
CA SER A 205 13.85 -3.43 -15.05
C SER A 205 12.70 -3.42 -14.05
N GLU A 206 11.66 -4.15 -14.37
CA GLU A 206 10.48 -4.24 -13.54
C GLU A 206 10.21 -5.70 -13.24
N ILE A 207 9.46 -5.98 -12.21
CA ILE A 207 9.20 -7.34 -11.77
C ILE A 207 7.75 -7.70 -12.05
N THR A 208 7.49 -8.85 -12.61
CA THR A 208 6.17 -9.40 -12.76
C THR A 208 6.07 -10.69 -11.99
N CYS A 209 5.03 -10.81 -11.19
CA CYS A 209 4.76 -12.01 -10.39
C CYS A 209 3.39 -12.58 -10.78
N VAL A 210 3.30 -13.90 -10.98
CA VAL A 210 2.04 -14.61 -11.22
C VAL A 210 1.94 -15.64 -10.15
N CYS A 211 0.79 -15.66 -9.46
CA CYS A 211 0.70 -16.30 -8.20
C CYS A 211 -0.52 -17.25 -8.16
N ARG A 212 -0.89 -17.69 -6.97
CA ARG A 212 -1.95 -18.63 -6.73
C ARG A 212 -3.00 -17.99 -5.82
N ASP A 213 -4.27 -17.98 -6.29
CA ASP A 213 -5.40 -17.52 -5.46
C ASP A 213 -5.97 -18.81 -4.88
N ASN A 214 -5.79 -19.01 -3.58
CA ASN A 214 -6.22 -20.21 -2.91
C ASN A 214 -7.64 -20.08 -2.32
N TRP A 215 -8.17 -18.86 -2.39
CA TRP A 215 -9.44 -18.48 -1.75
C TRP A 215 -10.60 -18.69 -2.71
N HIS A 216 -10.58 -17.99 -3.86
CA HIS A 216 -11.76 -17.94 -4.74
C HIS A 216 -11.48 -17.56 -6.17
N GLY A 217 -10.34 -18.02 -6.69
CA GLY A 217 -9.99 -17.74 -8.08
C GLY A 217 -9.36 -18.96 -8.75
N SER A 218 -9.87 -19.30 -9.93
CA SER A 218 -9.36 -20.43 -10.72
C SER A 218 -8.46 -19.94 -11.86
N ASN A 219 -8.47 -18.63 -12.11
CA ASN A 219 -7.43 -17.93 -12.85
C ASN A 219 -6.39 -17.42 -11.86
N ARG A 220 -5.25 -16.98 -12.37
CA ARG A 220 -4.11 -16.60 -11.52
C ARG A 220 -4.04 -15.10 -11.35
N PRO A 221 -3.82 -14.65 -10.08
CA PRO A 221 -3.57 -13.26 -9.81
C PRO A 221 -2.13 -12.87 -10.18
N TRP A 222 -1.92 -11.60 -10.51
CA TRP A 222 -0.57 -11.08 -10.79
C TRP A 222 -0.37 -9.80 -10.05
N VAL A 223 0.91 -9.46 -9.83
CA VAL A 223 1.33 -8.22 -9.29
C VAL A 223 2.62 -7.85 -10.01
N SER A 224 2.72 -6.61 -10.48
CA SER A 224 3.92 -6.13 -11.13
C SER A 224 4.36 -4.87 -10.44
N PHE A 225 5.66 -4.58 -10.47
CA PHE A 225 6.14 -3.43 -9.74
C PHE A 225 7.53 -3.00 -10.20
N ASN A 226 7.83 -1.72 -10.00
CA ASN A 226 9.13 -1.19 -10.24
C ASN A 226 10.01 -1.24 -9.01
N GLN A 227 11.23 -0.74 -9.13
CA GLN A 227 12.20 -0.83 -8.05
C GLN A 227 11.75 -0.05 -6.84
N ASN A 228 10.94 1.00 -7.02
N ASN A 228 10.92 0.98 -7.01
CA ASN A 228 10.40 1.80 -5.90
CA ASN A 228 10.44 1.74 -5.86
C ASN A 228 9.20 1.11 -5.24
C ASN A 228 9.19 1.12 -5.25
N LEU A 229 8.85 -0.09 -5.71
CA LEU A 229 7.69 -0.82 -5.22
C LEU A 229 6.35 -0.20 -5.53
N GLU A 230 6.33 0.61 -6.59
CA GLU A 230 5.04 1.09 -7.10
C GLU A 230 4.49 -0.04 -7.92
N TYR A 231 3.31 -0.54 -7.54
CA TYR A 231 2.79 -1.78 -8.03
C TYR A 231 1.45 -1.59 -8.76
N GLN A 232 1.16 -2.57 -9.61
CA GLN A 232 -0.16 -2.81 -10.17
C GLN A 232 -0.58 -4.23 -9.92
N ILE A 233 -1.89 -4.47 -9.85
CA ILE A 233 -2.46 -5.76 -9.59
C ILE A 233 -3.58 -6.08 -10.58
N GLY A 234 -3.79 -7.35 -10.80
CA GLY A 234 -4.92 -7.85 -11.58
C GLY A 234 -4.95 -9.36 -11.58
N TYR A 235 -5.81 -9.92 -12.43
CA TYR A 235 -5.83 -11.39 -12.68
C TYR A 235 -5.68 -11.62 -14.16
N ILE A 236 -5.09 -12.74 -14.52
CA ILE A 236 -4.91 -13.07 -15.94
C ILE A 236 -6.33 -13.24 -16.51
N CYS A 237 -6.60 -12.53 -17.60
CA CYS A 237 -7.99 -12.45 -18.14
C CYS A 237 -8.44 -13.68 -18.91
N SER A 238 -7.49 -14.44 -19.46
CA SER A 238 -7.81 -15.51 -20.41
C SER A 238 -8.81 -16.50 -19.82
N GLY A 239 -9.70 -16.99 -20.69
CA GLY A 239 -10.57 -18.09 -20.39
C GLY A 239 -9.89 -19.45 -20.42
N ILE A 240 -8.57 -19.46 -20.76
CA ILE A 240 -7.71 -20.61 -20.58
C ILE A 240 -7.22 -20.50 -19.12
N PHE A 241 -8.04 -21.04 -18.24
CA PHE A 241 -7.80 -20.84 -16.81
C PHE A 241 -6.52 -21.54 -16.37
N GLY A 242 -5.76 -20.88 -15.51
CA GLY A 242 -4.42 -21.35 -15.16
C GLY A 242 -4.27 -22.16 -13.91
N ASP A 243 -5.19 -22.07 -12.97
CA ASP A 243 -5.04 -22.76 -11.68
C ASP A 243 -5.46 -24.22 -11.76
N ASN A 244 -5.29 -24.95 -10.67
CA ASN A 244 -5.78 -26.32 -10.52
C ASN A 244 -6.23 -26.43 -9.09
N PRO A 245 -7.51 -26.67 -8.81
CA PRO A 245 -8.54 -26.94 -9.77
C PRO A 245 -9.01 -25.72 -10.53
N ARG A 246 -9.88 -25.98 -11.52
CA ARG A 246 -10.44 -24.95 -12.36
C ARG A 246 -11.66 -25.55 -13.10
N PRO A 247 -12.46 -24.69 -13.73
CA PRO A 247 -13.47 -25.22 -14.63
C PRO A 247 -12.92 -25.54 -15.98
N ASN A 248 -13.74 -26.18 -16.82
CA ASN A 248 -13.41 -26.23 -18.24
C ASN A 248 -13.30 -24.80 -18.80
N ASP A 249 -12.44 -24.61 -19.81
CA ASP A 249 -12.20 -23.29 -20.36
C ASP A 249 -13.52 -22.72 -20.94
N LYS A 250 -13.66 -21.43 -20.73
CA LYS A 250 -14.87 -20.67 -21.16
C LYS A 250 -14.50 -19.20 -21.00
N THR A 251 -15.41 -18.28 -21.24
CA THR A 251 -15.09 -16.90 -21.12
C THR A 251 -14.57 -16.59 -19.70
N GLY A 252 -13.43 -15.91 -19.64
CA GLY A 252 -12.75 -15.62 -18.39
C GLY A 252 -13.13 -14.28 -17.78
N SER A 253 -12.31 -13.86 -16.86
CA SER A 253 -12.47 -12.62 -16.13
C SER A 253 -11.12 -12.02 -15.82
N CYS A 254 -11.06 -10.69 -15.82
CA CYS A 254 -9.88 -9.95 -15.34
C CYS A 254 -9.88 -9.78 -13.80
N GLY A 255 -10.91 -10.26 -13.13
CA GLY A 255 -10.92 -10.47 -11.67
C GLY A 255 -10.98 -11.96 -11.37
N PRO A 256 -11.08 -12.30 -10.11
CA PRO A 256 -11.06 -13.72 -9.73
C PRO A 256 -12.24 -14.49 -10.27
N VAL A 257 -11.95 -15.59 -10.92
CA VAL A 257 -12.96 -16.52 -11.39
C VAL A 257 -13.39 -17.44 -10.27
N SER A 258 -14.64 -17.26 -9.78
CA SER A 258 -15.06 -17.98 -8.59
C SER A 258 -15.23 -19.49 -8.77
N SER A 259 -15.69 -19.92 -9.93
CA SER A 259 -15.96 -21.33 -10.14
C SER A 259 -14.69 -22.16 -9.88
N ASN A 260 -14.80 -23.14 -8.97
CA ASN A 260 -13.66 -24.05 -8.64
C ASN A 260 -12.47 -23.25 -8.13
N GLY A 261 -12.74 -22.07 -7.56
CA GLY A 261 -11.67 -21.13 -7.23
C GLY A 261 -10.95 -21.45 -5.95
N ALA A 262 -11.58 -22.11 -4.99
CA ALA A 262 -10.90 -22.45 -3.75
C ALA A 262 -9.83 -23.50 -4.07
N ASN A 263 -8.80 -23.50 -3.21
CA ASN A 263 -7.63 -24.35 -3.36
CA ASN A 263 -7.63 -24.37 -3.41
C ASN A 263 -6.84 -23.89 -4.63
N GLY A 264 -5.87 -24.65 -5.03
CA GLY A 264 -4.98 -24.14 -6.08
C GLY A 264 -3.70 -24.97 -6.15
N VAL A 265 -2.80 -24.49 -7.02
CA VAL A 265 -1.47 -25.05 -7.12
C VAL A 265 -0.55 -23.96 -7.46
N LYS A 266 0.69 -23.97 -6.96
CA LYS A 266 1.63 -23.00 -7.40
C LYS A 266 1.87 -23.14 -8.90
N GLY A 267 1.90 -22.00 -9.57
CA GLY A 267 2.24 -21.94 -10.99
C GLY A 267 2.89 -20.65 -11.40
N PHE A 268 2.89 -20.42 -12.72
CA PHE A 268 3.52 -19.29 -13.31
C PHE A 268 2.88 -19.00 -14.65
N SER A 269 3.20 -17.81 -15.15
CA SER A 269 2.95 -17.44 -16.57
C SER A 269 3.92 -16.34 -16.95
N PHE A 270 4.13 -16.16 -18.25
CA PHE A 270 4.96 -15.11 -18.76
C PHE A 270 4.15 -14.16 -19.64
N LYS A 271 4.15 -12.89 -19.25
CA LYS A 271 3.48 -11.84 -20.01
C LYS A 271 4.32 -11.33 -21.16
N TYR A 272 3.67 -11.25 -22.34
CA TYR A 272 4.23 -10.62 -23.52
C TYR A 272 3.20 -9.65 -24.09
N GLY A 273 3.20 -8.44 -23.55
CA GLY A 273 2.18 -7.44 -23.95
C GLY A 273 0.76 -7.89 -23.55
N ASN A 274 -0.11 -8.00 -24.54
CA ASN A 274 -1.42 -8.57 -24.33
C ASN A 274 -1.44 -10.06 -24.24
N GLY A 275 -0.34 -10.72 -24.67
CA GLY A 275 -0.26 -12.16 -24.75
C GLY A 275 0.34 -12.78 -23.50
N VAL A 276 0.21 -14.09 -23.42
CA VAL A 276 0.68 -14.83 -22.29
C VAL A 276 1.05 -16.27 -22.68
N TRP A 277 2.17 -16.74 -22.12
CA TRP A 277 2.52 -18.14 -22.07
C TRP A 277 2.11 -18.68 -20.74
N ILE A 278 1.12 -19.58 -20.72
CA ILE A 278 0.56 -20.21 -19.52
C ILE A 278 1.08 -21.61 -19.43
N GLY A 279 1.67 -21.95 -18.31
CA GLY A 279 1.91 -23.33 -17.95
C GLY A 279 0.78 -23.79 -17.05
N ARG A 280 0.19 -24.98 -17.28
CA ARG A 280 -0.86 -25.45 -16.41
C ARG A 280 -0.89 -27.00 -16.43
N THR A 281 -1.58 -27.57 -15.46
CA THR A 281 -1.87 -28.99 -15.46
C THR A 281 -2.77 -29.32 -16.66
N LYS A 282 -2.84 -30.58 -17.04
CA LYS A 282 -3.80 -30.98 -18.08
C LYS A 282 -5.15 -31.27 -17.45
N SER A 283 -5.20 -31.90 -16.28
CA SER A 283 -6.45 -32.15 -15.61
C SER A 283 -7.03 -30.85 -15.03
N ILE A 284 -8.36 -30.68 -15.14
CA ILE A 284 -8.98 -29.55 -14.52
C ILE A 284 -9.15 -29.68 -13.01
N SER A 285 -9.09 -30.91 -12.52
CA SER A 285 -9.47 -31.24 -11.13
C SER A 285 -8.38 -31.78 -10.25
N SER A 286 -7.26 -32.19 -10.86
CA SER A 286 -6.23 -32.95 -10.15
C SER A 286 -4.86 -32.49 -10.68
N ARG A 287 -3.82 -32.74 -9.87
CA ARG A 287 -2.43 -32.38 -10.20
C ARG A 287 -1.85 -33.42 -11.14
N ASN A 288 -2.38 -33.47 -12.37
CA ASN A 288 -2.04 -34.46 -13.38
C ASN A 288 -1.78 -33.75 -14.69
N GLY A 289 -0.69 -34.13 -15.32
CA GLY A 289 -0.31 -33.60 -16.59
C GLY A 289 0.29 -32.18 -16.56
N PHE A 290 0.85 -31.73 -17.67
CA PHE A 290 1.36 -30.39 -17.77
C PHE A 290 1.45 -29.99 -19.22
N GLU A 291 1.22 -28.72 -19.50
CA GLU A 291 1.24 -28.20 -20.85
C GLU A 291 1.56 -26.74 -20.85
N MET A 292 2.14 -26.26 -21.94
CA MET A 292 2.34 -24.84 -22.20
C MET A 292 1.41 -24.34 -23.28
N ILE A 293 0.77 -23.21 -23.03
CA ILE A 293 -0.17 -22.63 -23.98
C ILE A 293 0.20 -21.19 -24.25
N TRP A 294 0.30 -20.85 -25.52
CA TRP A 294 0.49 -19.48 -25.96
C TRP A 294 -0.90 -18.92 -26.36
N ASP A 295 -1.34 -17.91 -25.62
CA ASP A 295 -2.58 -17.18 -25.90
C ASP A 295 -2.21 -15.75 -26.22
N PRO A 296 -2.27 -15.33 -27.51
CA PRO A 296 -1.76 -14.06 -27.85
C PRO A 296 -2.49 -12.84 -27.30
N ASN A 297 -3.72 -13.06 -26.78
CA ASN A 297 -4.42 -11.93 -26.10
C ASN A 297 -4.83 -12.29 -24.72
N GLY A 298 -4.24 -13.34 -24.16
CA GLY A 298 -4.75 -13.88 -22.91
C GLY A 298 -4.39 -13.12 -21.63
N TRP A 299 -3.43 -12.19 -21.70
CA TRP A 299 -3.19 -11.39 -20.47
C TRP A 299 -4.36 -10.46 -20.21
N THR A 300 -4.85 -9.83 -21.29
CA THR A 300 -5.84 -8.77 -21.15
C THR A 300 -7.23 -9.12 -21.71
N GLY A 301 -7.34 -10.19 -22.45
CA GLY A 301 -8.60 -10.62 -23.08
C GLY A 301 -9.20 -11.86 -22.51
N THR A 302 -10.55 -11.90 -22.41
CA THR A 302 -11.26 -12.95 -21.73
C THR A 302 -11.70 -14.14 -22.57
N ASP A 303 -11.39 -14.16 -23.88
CA ASP A 303 -11.85 -15.32 -24.66
C ASP A 303 -11.13 -16.61 -24.27
N ASN A 304 -11.70 -17.71 -24.65
CA ASN A 304 -11.06 -19.03 -24.40
C ASN A 304 -10.43 -19.61 -25.65
N ASN A 305 -9.92 -18.73 -26.50
CA ASN A 305 -9.16 -19.15 -27.69
C ASN A 305 -7.66 -19.01 -27.40
N PHE A 306 -6.86 -19.91 -27.96
CA PHE A 306 -5.38 -19.82 -27.89
C PHE A 306 -4.78 -20.32 -29.18
N SER A 307 -3.47 -20.08 -29.36
CA SER A 307 -2.80 -20.34 -30.66
C SER A 307 -1.90 -21.56 -30.67
N ILE A 308 -1.19 -21.84 -29.57
CA ILE A 308 -0.25 -22.96 -29.51
C ILE A 308 -0.40 -23.69 -28.21
N LYS A 309 -0.31 -25.02 -28.27
CA LYS A 309 -0.24 -25.87 -27.08
C LYS A 309 0.90 -26.86 -27.27
N GLN A 310 1.73 -26.97 -26.26
CA GLN A 310 2.83 -27.90 -26.23
C GLN A 310 2.70 -28.81 -25.06
N ASP A 311 2.66 -30.10 -25.30
CA ASP A 311 2.55 -31.12 -24.25
C ASP A 311 3.88 -31.29 -23.48
N ILE A 312 3.78 -31.40 -22.16
CA ILE A 312 4.96 -31.52 -21.27
C ILE A 312 4.90 -32.80 -20.42
N VAL A 313 3.75 -33.10 -19.80
CA VAL A 313 3.52 -34.30 -19.04
C VAL A 313 2.11 -34.78 -19.37
N GLY A 314 1.96 -36.07 -19.62
CA GLY A 314 0.66 -36.60 -20.04
C GLY A 314 -0.39 -36.50 -18.95
N ILE A 315 -1.65 -36.48 -19.38
CA ILE A 315 -2.77 -36.27 -18.46
C ILE A 315 -2.88 -37.38 -17.44
N ASN A 316 -2.40 -38.60 -17.73
CA ASN A 316 -2.49 -39.66 -16.79
C ASN A 316 -1.30 -39.75 -15.86
N GLU A 317 -0.40 -38.78 -15.92
CA GLU A 317 0.78 -38.80 -15.07
C GLU A 317 0.68 -37.70 -14.01
N TRP A 318 1.31 -37.94 -12.87
CA TRP A 318 1.34 -36.96 -11.78
C TRP A 318 2.20 -35.75 -12.10
N SER A 319 1.71 -34.54 -11.78
CA SER A 319 2.49 -33.33 -11.86
C SER A 319 2.46 -32.66 -10.48
N GLY A 320 2.33 -31.33 -10.39
CA GLY A 320 2.58 -30.69 -9.12
C GLY A 320 2.78 -29.23 -9.33
N TYR A 321 3.60 -28.65 -8.45
CA TYR A 321 3.95 -27.24 -8.61
C TYR A 321 4.72 -26.98 -9.89
N SER A 322 4.69 -25.73 -10.32
CA SER A 322 5.57 -25.25 -11.36
C SER A 322 5.93 -23.81 -11.13
N GLY A 323 7.07 -23.37 -11.66
CA GLY A 323 7.51 -22.02 -11.49
C GLY A 323 8.44 -21.57 -12.57
N SER A 324 8.50 -20.24 -12.71
CA SER A 324 9.44 -19.62 -13.63
C SER A 324 10.86 -19.64 -13.09
N PHE A 325 11.83 -19.65 -13.98
CA PHE A 325 13.16 -19.18 -13.69
C PHE A 325 13.70 -18.51 -14.93
N VAL A 326 14.64 -17.57 -14.77
CA VAL A 326 15.20 -16.87 -15.94
C VAL A 326 16.71 -17.12 -16.06
N GLN A 327 17.21 -16.94 -17.29
CA GLN A 327 18.64 -16.88 -17.50
C GLN A 327 18.93 -15.53 -18.06
N HIS A 328 19.73 -14.76 -17.29
CA HIS A 328 20.03 -13.42 -17.68
C HIS A 328 21.11 -13.40 -18.79
N PRO A 329 21.22 -12.29 -19.53
CA PRO A 329 22.33 -12.09 -20.50
C PRO A 329 23.72 -12.33 -19.96
N GLU A 330 23.93 -12.04 -18.68
CA GLU A 330 25.27 -12.22 -18.11
C GLU A 330 25.68 -13.73 -18.05
N LEU A 331 24.69 -14.60 -18.05
CA LEU A 331 24.90 -16.05 -18.13
C LEU A 331 24.92 -16.55 -19.55
N THR A 332 24.00 -16.07 -20.40
CA THR A 332 23.80 -16.69 -21.70
C THR A 332 24.57 -16.01 -22.84
N GLY A 333 24.89 -14.73 -22.69
CA GLY A 333 25.37 -13.92 -23.82
C GLY A 333 24.34 -13.37 -24.77
N LEU A 334 23.08 -13.63 -24.49
CA LEU A 334 22.00 -13.17 -25.31
C LEU A 334 21.75 -11.66 -25.00
N ASP A 335 20.88 -11.05 -25.76
CA ASP A 335 20.49 -9.64 -25.57
C ASP A 335 19.13 -9.46 -24.88
N CYS A 336 18.64 -10.53 -24.24
CA CYS A 336 17.34 -10.55 -23.64
C CYS A 336 17.37 -11.56 -22.47
N ILE A 337 16.38 -11.45 -21.58
CA ILE A 337 16.26 -12.34 -20.44
C ILE A 337 15.51 -13.56 -20.92
N ARG A 338 16.13 -14.71 -20.78
CA ARG A 338 15.51 -15.95 -21.28
C ARG A 338 14.54 -16.53 -20.28
N PRO A 339 13.29 -16.82 -20.67
CA PRO A 339 12.38 -17.47 -19.77
C PRO A 339 12.55 -18.99 -19.80
N CYS A 340 12.53 -19.59 -18.62
CA CYS A 340 12.55 -21.02 -18.45
C CYS A 340 11.49 -21.42 -17.42
N PHE A 341 11.21 -22.71 -17.23
CA PHE A 341 10.28 -23.11 -16.19
C PHE A 341 10.62 -24.48 -15.69
N TRP A 342 10.22 -24.76 -14.49
CA TRP A 342 10.36 -26.12 -13.92
C TRP A 342 8.96 -26.68 -13.53
N VAL A 343 8.88 -28.00 -13.42
CA VAL A 343 7.69 -28.68 -12.96
C VAL A 343 8.13 -29.69 -11.88
N GLU A 344 7.42 -29.67 -10.77
CA GLU A 344 7.54 -30.67 -9.71
C GLU A 344 6.59 -31.81 -9.99
N LEU A 345 7.09 -33.06 -9.90
CA LEU A 345 6.33 -34.23 -10.16
C LEU A 345 6.14 -34.92 -8.84
N ILE A 346 4.95 -34.74 -8.24
CA ILE A 346 4.71 -35.17 -6.86
C ILE A 346 4.34 -36.63 -6.85
N ARG A 347 4.98 -37.41 -5.99
CA ARG A 347 4.71 -38.81 -5.79
C ARG A 347 4.36 -39.06 -4.31
N GLY A 348 3.48 -40.03 -4.10
CA GLY A 348 3.14 -40.45 -2.77
C GLY A 348 1.78 -39.93 -2.32
N ARG A 349 1.70 -39.54 -1.06
CA ARG A 349 0.41 -39.08 -0.53
C ARG A 349 0.09 -37.67 -1.08
N PRO A 350 -1.19 -37.35 -1.24
CA PRO A 350 -2.35 -38.17 -0.83
C PRO A 350 -2.87 -39.14 -1.87
N LYS A 351 -2.38 -39.07 -3.10
CA LYS A 351 -2.98 -39.80 -4.23
C LYS A 351 -2.56 -41.27 -4.25
N GLU A 352 -1.42 -41.57 -3.63
CA GLU A 352 -0.83 -42.91 -3.71
C GLU A 352 -0.64 -43.47 -2.34
N ASN A 353 -0.64 -44.79 -2.28
CA ASN A 353 -0.70 -45.51 -0.96
C ASN A 353 0.68 -45.75 -0.38
N THR A 354 1.29 -44.67 0.05
CA THR A 354 2.63 -44.66 0.61
C THR A 354 2.61 -43.99 1.99
N ILE A 355 3.68 -44.13 2.74
CA ILE A 355 3.85 -43.41 4.00
C ILE A 355 4.34 -41.97 3.80
N TRP A 356 4.85 -41.69 2.60
CA TRP A 356 5.62 -40.51 2.28
C TRP A 356 5.06 -39.73 1.07
N THR A 357 5.53 -38.51 0.95
CA THR A 357 5.35 -37.67 -0.21
C THR A 357 6.70 -37.09 -0.61
N SER A 358 6.99 -37.15 -1.90
CA SER A 358 8.24 -36.54 -2.41
C SER A 358 8.09 -36.16 -3.87
N GLY A 359 9.01 -35.42 -4.44
CA GLY A 359 8.89 -35.02 -5.82
C GLY A 359 10.20 -35.19 -6.56
N SER A 360 10.07 -35.30 -7.88
CA SER A 360 11.18 -35.13 -8.80
C SER A 360 10.91 -33.90 -9.65
N SER A 361 11.78 -33.58 -10.57
CA SER A 361 11.58 -32.37 -11.39
C SER A 361 12.03 -32.53 -12.83
N ILE A 362 11.46 -31.63 -13.66
CA ILE A 362 11.83 -31.45 -15.02
C ILE A 362 11.90 -29.94 -15.25
N SER A 363 12.72 -29.51 -16.23
CA SER A 363 12.74 -28.11 -16.60
C SER A 363 12.94 -27.94 -18.09
N PHE A 364 12.55 -26.76 -18.58
CA PHE A 364 12.58 -26.41 -20.00
C PHE A 364 13.00 -24.95 -20.13
N CYS A 365 13.60 -24.57 -21.26
CA CYS A 365 13.88 -23.17 -21.55
C CYS A 365 13.24 -22.79 -22.84
N GLY A 366 12.84 -21.50 -22.92
CA GLY A 366 12.19 -20.99 -24.10
C GLY A 366 13.18 -20.77 -25.20
N VAL A 367 12.80 -21.18 -26.43
CA VAL A 367 13.65 -20.98 -27.61
C VAL A 367 12.76 -20.45 -28.77
N ASN A 368 13.40 -19.94 -29.82
CA ASN A 368 12.72 -19.66 -31.10
C ASN A 368 13.08 -20.61 -32.20
N SER A 369 13.56 -21.74 -31.83
CA SER A 369 13.88 -22.82 -32.76
C SER A 369 12.91 -23.97 -32.56
N ASP A 370 13.10 -25.08 -33.30
CA ASP A 370 12.06 -26.12 -33.31
C ASP A 370 12.05 -26.90 -31.97
N THR A 371 10.84 -27.22 -31.56
CA THR A 371 10.58 -27.94 -30.32
C THR A 371 9.51 -29.02 -30.57
N VAL A 372 9.25 -29.82 -29.55
CA VAL A 372 8.24 -30.86 -29.66
C VAL A 372 7.58 -31.12 -28.33
N GLY A 373 6.31 -31.49 -28.38
CA GLY A 373 5.61 -31.96 -27.23
C GLY A 373 5.87 -33.44 -26.93
N TRP A 374 5.86 -33.80 -25.65
CA TRP A 374 5.97 -35.21 -25.23
C TRP A 374 5.47 -35.30 -23.80
N SER A 375 5.72 -36.43 -23.14
CA SER A 375 5.48 -36.56 -21.74
C SER A 375 6.79 -37.00 -21.12
N TRP A 376 7.23 -36.26 -20.13
CA TRP A 376 8.42 -36.59 -19.35
C TRP A 376 8.04 -36.71 -17.87
N PRO A 377 7.40 -37.83 -17.49
CA PRO A 377 6.86 -37.96 -16.16
C PRO A 377 7.88 -38.49 -15.16
N ASP A 378 7.46 -38.63 -13.91
CA ASP A 378 8.38 -39.02 -12.86
C ASP A 378 8.98 -40.40 -13.07
N GLY A 379 8.14 -41.37 -13.36
CA GLY A 379 8.56 -42.71 -13.73
C GLY A 379 8.85 -43.68 -12.63
N ALA A 380 8.74 -43.28 -11.35
CA ALA A 380 8.95 -44.28 -10.28
C ALA A 380 7.75 -45.22 -10.20
N GLU A 381 7.98 -46.44 -9.71
CA GLU A 381 6.98 -47.45 -9.49
C GLU A 381 6.72 -47.47 -7.97
N LEU A 382 5.50 -47.05 -7.58
CA LEU A 382 5.08 -47.01 -6.21
C LEU A 382 4.07 -48.15 -5.95
N PRO A 383 3.97 -48.64 -4.69
CA PRO A 383 4.73 -48.18 -3.54
C PRO A 383 6.17 -48.66 -3.55
N PHE A 384 6.91 -48.20 -2.55
CA PHE A 384 8.31 -48.57 -2.35
C PHE A 384 8.42 -49.64 -1.23
N THR A 385 9.63 -50.18 -1.04
N THR A 385 9.61 -50.20 -1.01
CA THR A 385 9.89 -51.18 0.00
CA THR A 385 9.73 -51.26 -0.02
C THR A 385 9.41 -50.78 1.38
C THR A 385 9.41 -50.79 1.41
N ILE A 386 9.57 -49.49 1.70
CA ILE A 386 9.26 -48.97 3.04
C ILE A 386 7.76 -48.93 3.33
N ASP A 387 6.95 -48.95 2.28
CA ASP A 387 5.50 -48.79 2.39
C ASP A 387 4.79 -50.10 2.67
N SER B 1 -19.10 7.66 29.64
CA SER B 1 -18.48 7.93 28.31
C SER B 1 -18.65 6.71 27.42
N VAL B 2 -18.93 6.96 26.15
CA VAL B 2 -19.12 5.90 25.15
C VAL B 2 -18.37 6.31 23.87
N LYS B 3 -17.75 5.35 23.20
CA LYS B 3 -17.07 5.66 21.95
CA LYS B 3 -17.08 5.62 21.91
C LYS B 3 -18.08 6.15 20.89
N LEU B 4 -17.66 7.13 20.12
CA LEU B 4 -18.44 7.56 18.95
C LEU B 4 -18.61 6.43 17.96
N ALA B 5 -19.87 6.14 17.56
CA ALA B 5 -20.10 5.09 16.61
C ALA B 5 -19.50 5.35 15.23
N GLY B 6 -19.77 6.51 14.67
CA GLY B 6 -19.29 6.83 13.34
C GLY B 6 -19.88 6.08 12.17
N ASN B 7 -21.05 5.49 12.38
CA ASN B 7 -21.64 4.61 11.39
C ASN B 7 -22.81 5.18 10.64
N SER B 8 -23.22 6.41 10.98
CA SER B 8 -24.27 7.10 10.23
C SER B 8 -23.66 7.82 9.04
N SER B 9 -24.50 8.25 8.10
CA SER B 9 -24.07 8.97 6.94
C SER B 9 -23.94 10.44 7.25
N LEU B 10 -23.17 11.14 6.42
CA LEU B 10 -23.12 12.61 6.48
C LEU B 10 -24.50 13.19 6.23
N CYS B 11 -24.87 14.17 7.03
CA CYS B 11 -26.14 14.84 6.87
C CYS B 11 -26.13 15.61 5.54
N PRO B 12 -27.22 15.49 4.77
CA PRO B 12 -27.29 16.34 3.59
C PRO B 12 -27.53 17.78 4.02
N VAL B 13 -26.95 18.73 3.29
CA VAL B 13 -27.02 20.13 3.65
C VAL B 13 -27.21 21.01 2.43
N SER B 14 -28.02 22.03 2.61
CA SER B 14 -28.32 23.00 1.58
C SER B 14 -27.51 24.27 1.69
N GLY B 15 -26.90 24.55 2.86
CA GLY B 15 -26.16 25.74 3.03
C GLY B 15 -25.50 25.72 4.40
N TRP B 16 -24.79 26.82 4.67
CA TRP B 16 -23.86 26.84 5.77
C TRP B 16 -24.22 28.00 6.70
N ALA B 17 -24.49 27.68 7.97
CA ALA B 17 -24.89 28.65 9.00
C ALA B 17 -23.64 29.04 9.79
N ILE B 18 -23.45 30.31 10.03
CA ILE B 18 -22.25 30.71 10.76
C ILE B 18 -22.28 30.24 12.21
N TYR B 19 -21.14 29.70 12.64
CA TYR B 19 -21.01 28.99 13.94
C TYR B 19 -20.12 29.76 14.90
N SER B 20 -18.98 30.23 14.44
CA SER B 20 -18.05 30.99 15.28
C SER B 20 -17.24 32.02 14.57
N LYS B 21 -16.73 32.99 15.33
CA LYS B 21 -15.72 33.90 14.85
C LYS B 21 -14.99 34.39 16.07
N ASP B 22 -13.65 34.38 16.04
CA ASP B 22 -12.87 34.69 17.23
C ASP B 22 -12.29 36.09 17.27
N ASN B 23 -12.15 36.76 16.11
CA ASN B 23 -11.57 38.11 16.05
C ASN B 23 -10.20 38.21 16.72
N SER B 24 -9.42 37.12 16.62
CA SER B 24 -8.15 37.09 17.39
C SER B 24 -7.17 38.18 17.12
N VAL B 25 -7.01 38.58 15.85
CA VAL B 25 -5.97 39.52 15.49
C VAL B 25 -6.40 40.94 15.95
N ARG B 26 -7.68 41.28 15.73
CA ARG B 26 -8.22 42.54 16.23
C ARG B 26 -8.03 42.68 17.77
N ILE B 27 -8.34 41.59 18.47
CA ILE B 27 -8.26 41.61 19.94
CA ILE B 27 -8.25 41.59 19.94
C ILE B 27 -6.78 41.67 20.39
N GLY B 28 -5.88 40.92 19.70
CA GLY B 28 -4.49 40.92 20.01
C GLY B 28 -3.72 42.15 19.81
N SER B 29 -4.31 43.14 19.11
CA SER B 29 -3.74 44.47 19.05
C SER B 29 -3.49 45.04 20.47
N LYS B 30 -4.37 44.70 21.41
CA LYS B 30 -4.19 45.07 22.83
CA LYS B 30 -4.18 45.07 22.82
C LYS B 30 -4.00 43.88 23.76
N GLY B 31 -4.89 42.90 23.66
CA GLY B 31 -4.85 41.76 24.57
C GLY B 31 -3.71 40.83 24.31
N ASP B 32 -3.63 39.86 25.19
CA ASP B 32 -2.54 38.86 25.19
C ASP B 32 -2.98 37.63 24.47
N VAL B 33 -2.79 37.66 23.16
CA VAL B 33 -3.28 36.65 22.24
C VAL B 33 -2.06 36.03 21.52
N PHE B 34 -2.03 34.71 21.49
CA PHE B 34 -0.94 34.05 20.79
C PHE B 34 -0.90 34.39 19.32
N VAL B 35 0.34 34.52 18.81
CA VAL B 35 0.61 34.36 17.38
C VAL B 35 0.39 32.90 17.03
N ILE B 36 -0.51 32.63 16.09
CA ILE B 36 -0.82 31.29 15.70
C ILE B 36 -0.98 31.15 14.22
N ARG B 37 -0.78 29.95 13.75
CA ARG B 37 -1.26 29.58 12.40
C ARG B 37 -1.73 28.11 12.50
N GLU B 38 -2.25 27.59 11.37
CA GLU B 38 -2.72 26.22 11.30
C GLU B 38 -3.75 25.90 12.42
N PRO B 39 -4.76 26.75 12.56
CA PRO B 39 -5.82 26.42 13.48
C PRO B 39 -6.72 25.34 12.94
N PHE B 40 -7.48 24.68 13.80
CA PHE B 40 -8.52 23.79 13.36
C PHE B 40 -9.50 23.55 14.47
N ILE B 41 -10.69 23.09 14.16
CA ILE B 41 -11.72 22.81 15.15
C ILE B 41 -11.93 21.27 15.27
N SER B 42 -12.16 20.80 16.49
CA SER B 42 -12.55 19.43 16.69
C SER B 42 -13.45 19.36 17.93
N CYS B 43 -14.38 18.40 17.93
CA CYS B 43 -15.39 18.32 18.97
C CYS B 43 -15.33 16.98 19.72
N SER B 44 -15.73 17.04 20.97
CA SER B 44 -15.96 15.85 21.78
C SER B 44 -17.51 15.58 21.79
N PRO B 45 -17.98 14.62 22.57
CA PRO B 45 -19.45 14.51 22.77
C PRO B 45 -20.05 15.66 23.54
N LEU B 46 -19.22 16.51 24.16
CA LEU B 46 -19.70 17.64 24.99
C LEU B 46 -19.37 19.05 24.53
N GLU B 47 -18.28 19.27 23.79
CA GLU B 47 -17.87 20.61 23.41
C GLU B 47 -17.02 20.62 22.17
N CYS B 48 -16.89 21.77 21.54
CA CYS B 48 -15.96 21.96 20.44
C CYS B 48 -14.84 22.89 20.85
N ARG B 49 -13.65 22.62 20.35
CA ARG B 49 -12.43 23.30 20.70
C ARG B 49 -11.69 23.76 19.48
N THR B 50 -11.02 24.89 19.54
CA THR B 50 -10.09 25.32 18.49
C THR B 50 -8.70 24.89 18.92
N PHE B 51 -8.05 24.07 18.10
CA PHE B 51 -6.63 23.74 18.23
C PHE B 51 -5.81 24.65 17.35
N PHE B 52 -4.55 24.86 17.68
CA PHE B 52 -3.74 25.77 16.88
C PHE B 52 -2.25 25.59 17.20
N LEU B 53 -1.39 25.96 16.26
CA LEU B 53 0.07 25.96 16.49
C LEU B 53 0.51 27.35 16.85
N THR B 54 0.83 27.52 18.13
CA THR B 54 1.42 28.77 18.54
C THR B 54 2.84 28.90 17.97
N GLN B 55 3.35 30.12 18.09
CA GLN B 55 4.74 30.48 17.80
C GLN B 55 5.46 30.85 19.07
N GLY B 56 4.91 30.42 20.22
CA GLY B 56 5.51 30.76 21.46
C GLY B 56 5.75 32.22 21.69
N ALA B 57 4.82 33.03 21.23
CA ALA B 57 4.91 34.48 21.22
C ALA B 57 3.50 35.08 21.21
N LEU B 58 3.39 36.33 21.65
CA LEU B 58 2.14 37.07 21.59
C LEU B 58 2.16 38.13 20.49
N LEU B 59 0.98 38.40 19.98
CA LEU B 59 0.77 39.53 19.05
C LEU B 59 1.21 40.83 19.63
N ASN B 60 1.84 41.64 18.78
CA ASN B 60 2.26 43.00 19.14
C ASN B 60 3.44 43.01 20.10
N ASP B 61 4.14 41.85 20.20
CA ASP B 61 5.38 41.76 20.98
C ASP B 61 6.54 41.41 20.04
N LYS B 62 7.74 41.82 20.41
CA LYS B 62 8.89 41.57 19.56
C LYS B 62 9.13 40.11 19.25
N HIS B 63 8.72 39.19 20.13
CA HIS B 63 8.97 37.77 19.81
C HIS B 63 8.09 37.20 18.69
N SER B 64 7.15 38.02 18.20
CA SER B 64 6.41 37.69 17.00
C SER B 64 7.23 37.87 15.75
N ASN B 65 8.43 38.44 15.87
CA ASN B 65 9.29 38.67 14.71
C ASN B 65 9.64 37.35 14.04
N GLY B 66 9.47 37.28 12.73
CA GLY B 66 9.98 36.16 11.94
C GLY B 66 9.04 35.00 11.89
N THR B 67 7.80 35.21 12.35
CA THR B 67 6.82 34.14 12.41
C THR B 67 6.26 33.66 11.07
N ILE B 68 6.72 34.21 9.95
CA ILE B 68 6.54 33.54 8.66
C ILE B 68 7.15 32.13 8.71
N LYS B 69 8.17 31.92 9.55
CA LYS B 69 8.89 30.66 9.58
C LYS B 69 7.99 29.53 10.09
N ASP B 70 7.98 28.40 9.39
CA ASP B 70 7.08 27.33 9.69
C ASP B 70 7.45 26.46 10.91
N ARG B 71 8.75 26.14 11.04
CA ARG B 71 9.15 25.07 11.98
C ARG B 71 10.24 25.62 12.89
N SER B 72 10.02 25.45 14.20
CA SER B 72 10.94 25.94 15.23
C SER B 72 10.68 25.10 16.46
N PRO B 73 11.60 25.13 17.44
CA PRO B 73 11.39 24.40 18.70
C PRO B 73 10.43 25.11 19.67
N TYR B 74 9.97 26.31 19.31
CA TYR B 74 9.08 27.11 20.17
C TYR B 74 7.60 26.82 19.90
N ARG B 75 7.30 26.27 18.73
CA ARG B 75 5.88 26.00 18.39
C ARG B 75 5.27 24.94 19.23
N THR B 76 4.03 25.20 19.70
CA THR B 76 3.27 24.30 20.52
C THR B 76 1.84 24.21 20.04
N LEU B 77 1.34 23.01 20.08
CA LEU B 77 -0.09 22.72 19.92
C LEU B 77 -0.82 23.02 21.19
N MET B 78 -1.77 23.94 21.11
CA MET B 78 -2.65 24.31 22.27
C MET B 78 -4.08 24.31 21.79
N SER B 79 -5.04 24.40 22.73
CA SER B 79 -6.44 24.48 22.33
C SER B 79 -7.21 25.40 23.30
N CYS B 80 -8.31 25.94 22.80
CA CYS B 80 -9.18 26.73 23.62
C CYS B 80 -10.61 26.49 23.16
N PRO B 81 -11.59 26.94 23.94
CA PRO B 81 -13.00 26.74 23.47
C PRO B 81 -13.25 27.52 22.18
N ILE B 82 -14.12 26.95 21.35
CA ILE B 82 -14.38 27.52 20.04
C ILE B 82 -14.87 28.95 20.18
N GLY B 83 -14.35 29.80 19.32
CA GLY B 83 -14.78 31.20 19.27
C GLY B 83 -14.07 32.16 20.23
N GLU B 84 -13.32 31.64 21.21
CA GLU B 84 -12.54 32.46 22.12
C GLU B 84 -11.17 32.72 21.46
N VAL B 85 -10.58 33.87 21.74
CA VAL B 85 -9.23 34.14 21.28
C VAL B 85 -8.26 33.16 21.99
N PRO B 86 -7.19 32.77 21.27
CA PRO B 86 -6.19 31.88 21.89
C PRO B 86 -5.22 32.73 22.73
N SER B 87 -5.46 32.75 24.04
N SER B 87 -5.37 32.62 24.03
CA SER B 87 -4.59 33.41 25.00
CA SER B 87 -4.57 33.35 24.94
C SER B 87 -3.86 32.44 25.92
C SER B 87 -3.86 32.43 25.92
N PRO B 88 -2.74 32.87 26.49
CA PRO B 88 -2.17 32.10 27.58
C PRO B 88 -3.09 31.92 28.78
N TYR B 89 -4.12 32.74 28.88
CA TYR B 89 -5.01 32.69 30.00
C TYR B 89 -6.26 31.83 29.82
N ASN B 90 -6.47 31.29 28.61
CA ASN B 90 -7.62 30.39 28.36
C ASN B 90 -7.25 29.14 27.58
N SER B 91 -5.94 28.94 27.28
CA SER B 91 -5.55 27.85 26.41
C SER B 91 -4.93 26.66 27.18
N ARG B 92 -5.38 25.48 26.84
CA ARG B 92 -4.83 24.19 27.35
C ARG B 92 -3.61 23.87 26.52
N PHE B 93 -2.55 23.46 27.21
CA PHE B 93 -1.36 23.00 26.51
C PHE B 93 -1.60 21.57 26.03
N GLU B 94 -1.24 21.29 24.76
CA GLU B 94 -1.45 19.94 24.22
C GLU B 94 -0.11 19.22 23.97
N SER B 95 0.78 19.78 23.19
CA SER B 95 1.97 19.08 22.70
C SER B 95 2.96 20.11 22.18
N VAL B 96 4.24 19.74 22.14
CA VAL B 96 5.22 20.54 21.44
C VAL B 96 5.16 20.13 19.97
N ALA B 97 4.94 21.09 19.07
CA ALA B 97 4.60 20.72 17.68
C ALA B 97 4.67 21.83 16.69
N TRP B 98 5.19 21.50 15.48
CA TRP B 98 5.11 22.37 14.33
C TRP B 98 4.27 21.80 13.21
N SER B 99 3.65 20.66 13.48
CA SER B 99 2.58 20.06 12.62
C SER B 99 1.74 19.20 13.53
N ALA B 100 0.41 19.12 13.30
CA ALA B 100 -0.45 18.49 14.29
C ALA B 100 -1.75 17.93 13.72
N SER B 101 -2.38 17.09 14.55
CA SER B 101 -3.77 16.68 14.37
C SER B 101 -4.35 16.40 15.77
N ALA B 102 -5.66 16.31 15.87
CA ALA B 102 -6.32 15.90 17.12
C ALA B 102 -7.70 15.43 16.82
N CYS B 103 -8.23 14.57 17.67
CA CYS B 103 -9.64 14.11 17.56
C CYS B 103 -9.99 13.38 18.83
N HIS B 104 -11.30 13.33 19.13
CA HIS B 104 -11.84 12.72 20.31
C HIS B 104 -12.63 11.46 19.96
N ASP B 105 -12.38 10.34 20.59
CA ASP B 105 -12.99 9.11 20.17
C ASP B 105 -14.29 8.84 20.87
N GLY B 106 -14.74 9.80 21.69
CA GLY B 106 -15.90 9.66 22.55
C GLY B 106 -15.51 9.47 24.00
N ILE B 107 -14.28 9.03 24.25
CA ILE B 107 -13.77 8.76 25.61
C ILE B 107 -12.75 9.83 25.94
N ASN B 108 -11.69 9.96 25.15
CA ASN B 108 -10.63 10.92 25.43
C ASN B 108 -10.09 11.56 24.14
N TRP B 109 -9.39 12.69 24.28
CA TRP B 109 -8.69 13.33 23.18
C TRP B 109 -7.38 12.58 22.80
N LEU B 110 -7.25 12.33 21.51
CA LEU B 110 -6.00 12.03 20.90
C LEU B 110 -5.39 13.31 20.35
N THR B 111 -4.10 13.61 20.65
CA THR B 111 -3.39 14.69 20.00
C THR B 111 -2.11 14.10 19.40
N ILE B 112 -1.74 14.61 18.25
CA ILE B 112 -0.55 14.22 17.50
C ILE B 112 0.22 15.48 17.28
N GLY B 113 1.45 15.55 17.81
CA GLY B 113 2.29 16.71 17.66
C GLY B 113 3.68 16.34 17.17
N ILE B 114 4.08 16.89 16.04
CA ILE B 114 5.38 16.58 15.43
C ILE B 114 6.33 17.68 15.75
N SER B 115 7.48 17.32 16.31
CA SER B 115 8.58 18.26 16.51
C SER B 115 9.91 17.59 16.17
N GLY B 116 11.02 18.27 16.47
CA GLY B 116 12.32 17.78 16.10
C GLY B 116 12.82 18.30 14.77
N PRO B 117 13.99 17.83 14.36
CA PRO B 117 14.67 18.38 13.16
C PRO B 117 13.99 17.92 11.87
N ASP B 118 14.16 18.71 10.80
CA ASP B 118 13.59 18.37 9.51
C ASP B 118 13.97 16.95 9.03
N ASN B 119 15.19 16.51 9.38
CA ASN B 119 15.68 15.20 8.93
C ASN B 119 15.39 14.05 9.79
N GLY B 120 14.59 14.26 10.83
CA GLY B 120 14.34 13.17 11.75
C GLY B 120 13.21 13.45 12.71
N ALA B 121 12.18 14.08 12.20
CA ALA B 121 11.10 14.53 13.11
C ALA B 121 10.35 13.35 13.69
N VAL B 122 9.73 13.57 14.87
CA VAL B 122 9.00 12.56 15.59
C VAL B 122 7.62 13.06 16.00
N ALA B 123 6.59 12.33 15.61
CA ALA B 123 5.21 12.55 16.05
C ALA B 123 5.04 11.93 17.42
N VAL B 124 4.58 12.72 18.38
CA VAL B 124 4.25 12.28 19.73
C VAL B 124 2.74 12.19 19.81
N LEU B 125 2.25 11.01 20.11
CA LEU B 125 0.82 10.74 20.25
C LEU B 125 0.50 10.81 21.73
N LYS B 126 -0.55 11.51 22.12
CA LYS B 126 -1.03 11.56 23.52
C LYS B 126 -2.52 11.15 23.51
N TYR B 127 -2.94 10.45 24.55
CA TYR B 127 -4.35 10.10 24.75
C TYR B 127 -4.64 10.57 26.16
N ASN B 128 -5.58 11.50 26.31
CA ASN B 128 -5.88 12.12 27.62
C ASN B 128 -4.61 12.74 28.17
N GLY B 129 -3.80 13.34 27.32
CA GLY B 129 -2.60 14.09 27.76
C GLY B 129 -1.40 13.28 28.17
N ILE B 130 -1.49 11.95 28.06
CA ILE B 130 -0.41 11.04 28.40
C ILE B 130 0.22 10.51 27.13
N ILE B 131 1.55 10.52 27.01
CA ILE B 131 2.16 9.97 25.81
C ILE B 131 1.84 8.49 25.71
N THR B 132 1.35 8.09 24.55
CA THR B 132 0.96 6.70 24.26
C THR B 132 1.70 6.06 23.08
N ASP B 133 2.31 6.85 22.22
CA ASP B 133 3.11 6.31 21.12
C ASP B 133 3.94 7.40 20.48
N THR B 134 4.90 7.00 19.67
CA THR B 134 5.63 7.92 18.81
C THR B 134 5.82 7.26 17.46
N ILE B 135 5.95 8.07 16.44
CA ILE B 135 6.39 7.55 15.15
C ILE B 135 7.41 8.52 14.55
N LYS B 136 8.52 7.98 14.06
N LYS B 136 8.55 7.98 14.10
CA LYS B 136 9.57 8.78 13.53
CA LYS B 136 9.62 8.78 13.54
C LYS B 136 9.52 8.85 12.01
C LYS B 136 9.51 8.86 12.01
N SER B 137 10.03 9.95 11.49
CA SER B 137 10.18 10.17 10.06
C SER B 137 10.77 8.93 9.39
N TRP B 138 10.14 8.47 8.32
CA TRP B 138 10.59 7.31 7.52
C TRP B 138 11.29 7.67 6.24
N ARG B 139 11.25 8.95 5.87
CA ARG B 139 11.93 9.43 4.67
C ARG B 139 12.91 10.56 4.98
N ASN B 140 12.98 10.95 6.24
CA ASN B 140 13.90 12.01 6.67
C ASN B 140 13.76 13.35 5.97
N ASN B 141 12.51 13.72 5.71
CA ASN B 141 12.26 14.98 5.01
C ASN B 141 10.90 15.58 5.38
N VAL B 142 10.91 16.17 6.59
CA VAL B 142 9.79 16.87 7.19
C VAL B 142 8.58 16.01 7.35
N LEU B 143 8.62 14.98 8.21
CA LEU B 143 7.38 14.26 8.59
C LEU B 143 6.36 15.31 9.01
N ARG B 144 5.12 15.13 8.51
CA ARG B 144 4.12 16.18 8.68
C ARG B 144 2.72 15.59 8.50
N THR B 145 1.71 16.30 9.01
CA THR B 145 0.39 15.72 9.04
C THR B 145 -0.71 16.76 8.74
N GLN B 146 -1.93 16.46 9.22
CA GLN B 146 -3.14 17.11 8.66
C GLN B 146 -3.28 18.60 8.86
N GLU B 147 -2.93 19.10 10.06
CA GLU B 147 -3.34 20.43 10.50
C GLU B 147 -4.86 20.55 10.53
N SER B 148 -5.52 19.46 10.73
CA SER B 148 -6.95 19.45 11.06
C SER B 148 -7.29 18.18 11.78
N GLU B 149 -8.56 18.00 12.14
CA GLU B 149 -8.90 16.89 12.98
C GLU B 149 -8.74 15.55 12.28
N CYS B 150 -8.28 14.57 13.07
CA CYS B 150 -8.33 13.19 12.67
C CYS B 150 -9.79 12.69 12.72
N ALA B 151 -10.06 11.45 12.32
CA ALA B 151 -11.42 10.98 12.21
C ALA B 151 -11.61 9.71 12.98
N CYS B 152 -12.73 9.54 13.71
CA CYS B 152 -12.92 8.38 14.60
C CYS B 152 -14.20 7.62 14.29
N VAL B 153 -14.10 6.28 14.29
CA VAL B 153 -15.21 5.35 14.08
C VAL B 153 -15.01 4.23 15.06
N ASN B 154 -15.99 4.04 15.93
CA ASN B 154 -16.00 2.87 16.83
C ASN B 154 -14.71 2.59 17.60
N GLY B 155 -14.15 3.62 18.18
CA GLY B 155 -12.98 3.46 19.02
C GLY B 155 -11.65 3.49 18.32
N SER B 156 -11.68 3.59 16.97
CA SER B 156 -10.45 3.76 16.20
C SER B 156 -10.43 5.12 15.57
N CYS B 157 -9.27 5.77 15.59
CA CYS B 157 -9.09 7.09 14.94
C CYS B 157 -8.02 6.95 13.86
N PHE B 158 -8.15 7.78 12.86
CA PHE B 158 -7.41 7.67 11.63
C PHE B 158 -6.84 8.97 11.14
N THR B 159 -5.62 8.94 10.63
CA THR B 159 -4.92 10.09 10.11
C THR B 159 -4.06 9.71 8.94
N VAL B 160 -3.52 10.74 8.32
CA VAL B 160 -2.60 10.60 7.20
C VAL B 160 -1.38 11.45 7.52
N MET B 161 -0.19 10.94 7.20
CA MET B 161 1.06 11.69 7.30
C MET B 161 1.84 11.55 6.03
N THR B 162 2.65 12.57 5.74
CA THR B 162 3.50 12.62 4.54
C THR B 162 4.93 12.83 4.97
N ASP B 163 5.87 12.29 4.17
CA ASP B 163 7.29 12.48 4.43
C ASP B 163 7.92 12.44 3.04
N GLY B 164 8.75 13.43 2.78
CA GLY B 164 9.33 13.59 1.47
C GLY B 164 9.11 14.98 0.89
N PRO B 165 9.46 15.15 -0.38
CA PRO B 165 9.37 16.47 -1.02
C PRO B 165 7.98 17.08 -1.04
N SER B 166 7.92 18.41 -0.94
CA SER B 166 6.64 19.11 -1.11
C SER B 166 6.52 19.62 -2.55
N ASN B 167 7.50 19.30 -3.43
CA ASN B 167 7.53 19.75 -4.82
C ASN B 167 7.85 18.59 -5.77
N GLY B 168 7.51 17.39 -5.35
CA GLY B 168 7.71 16.19 -6.12
C GLY B 168 7.11 15.01 -5.46
N GLN B 169 7.27 13.84 -6.02
CA GLN B 169 6.76 12.64 -5.41
C GLN B 169 7.22 12.51 -3.99
N ALA B 170 6.27 12.24 -3.08
CA ALA B 170 6.58 11.91 -1.70
C ALA B 170 5.94 10.60 -1.28
N SER B 171 5.96 10.32 0.03
CA SER B 171 5.46 9.09 0.58
C SER B 171 4.33 9.43 1.55
N TYR B 172 3.23 8.70 1.48
CA TYR B 172 1.98 9.02 2.22
C TYR B 172 1.55 7.77 2.94
N LYS B 173 1.30 7.88 4.25
CA LYS B 173 0.85 6.74 5.06
C LYS B 173 -0.45 7.04 5.80
N ILE B 174 -1.27 6.00 5.89
CA ILE B 174 -2.50 6.03 6.64
C ILE B 174 -2.26 5.26 7.93
N PHE B 175 -2.80 5.79 9.04
CA PHE B 175 -2.65 5.20 10.37
C PHE B 175 -4.01 4.94 11.01
N ARG B 176 -4.13 3.82 11.68
CA ARG B 176 -5.25 3.51 12.59
C ARG B 176 -4.69 3.50 13.99
N ILE B 177 -5.35 4.26 14.89
CA ILE B 177 -4.87 4.53 16.23
C ILE B 177 -6.01 4.20 17.19
N GLU B 178 -5.72 3.42 18.24
CA GLU B 178 -6.72 3.07 19.28
C GLU B 178 -6.12 3.43 20.62
N LYS B 179 -6.82 4.28 21.38
CA LYS B 179 -6.34 4.73 22.68
C LYS B 179 -4.91 5.29 22.54
N GLY B 180 -4.68 6.05 21.48
CA GLY B 180 -3.38 6.70 21.28
C GLY B 180 -2.26 5.82 20.82
N LYS B 181 -2.52 4.53 20.52
CA LYS B 181 -1.51 3.60 20.06
CA LYS B 181 -1.50 3.61 20.06
C LYS B 181 -1.76 3.27 18.59
N ILE B 182 -0.72 3.34 17.77
CA ILE B 182 -0.84 2.93 16.38
C ILE B 182 -0.98 1.43 16.36
N VAL B 183 -2.08 0.95 15.75
CA VAL B 183 -2.35 -0.49 15.63
C VAL B 183 -2.24 -1.01 14.19
N LYS B 184 -2.27 -0.13 13.20
CA LYS B 184 -2.07 -0.52 11.80
C LYS B 184 -1.67 0.69 11.03
N SER B 185 -0.86 0.48 10.00
CA SER B 185 -0.49 1.55 9.08
C SER B 185 -0.32 0.92 7.69
N VAL B 186 -0.47 1.72 6.67
CA VAL B 186 -0.15 1.29 5.29
C VAL B 186 0.38 2.48 4.54
N GLU B 187 1.31 2.23 3.60
CA GLU B 187 1.77 3.21 2.68
C GLU B 187 0.87 3.19 1.45
N MET B 188 0.33 4.37 1.12
CA MET B 188 -0.47 4.51 -0.06
C MET B 188 0.42 4.36 -1.30
N ASN B 189 -0.04 3.53 -2.23
CA ASN B 189 0.66 3.38 -3.51
C ASN B 189 0.05 4.40 -4.50
N ALA B 190 0.63 5.56 -4.49
CA ALA B 190 0.08 6.72 -5.23
C ALA B 190 1.10 7.44 -6.13
N PRO B 191 1.74 6.68 -7.04
CA PRO B 191 2.64 7.31 -7.94
C PRO B 191 1.90 8.40 -8.77
N ASN B 192 2.58 9.53 -8.89
CA ASN B 192 2.10 10.71 -9.60
C ASN B 192 1.05 11.51 -8.86
N TYR B 193 0.67 11.07 -7.67
CA TYR B 193 -0.18 11.84 -6.74
C TYR B 193 0.68 12.56 -5.73
N HIS B 194 0.09 13.60 -5.13
CA HIS B 194 0.74 14.32 -4.06
C HIS B 194 -0.34 14.64 -3.00
N TYR B 195 -0.08 14.21 -1.76
CA TYR B 195 -0.98 14.44 -0.63
C TYR B 195 -0.32 15.20 0.48
N GLU B 196 -0.91 16.36 0.81
CA GLU B 196 -0.48 17.21 1.96
C GLU B 196 -1.74 17.59 2.74
N GLU B 197 -1.61 17.68 4.05
CA GLU B 197 -2.58 18.45 4.86
C GLU B 197 -4.03 18.00 4.64
N CYS B 198 -4.26 16.72 4.84
CA CYS B 198 -5.55 16.12 4.57
C CYS B 198 -6.64 16.57 5.56
N SER B 199 -7.83 16.79 5.02
CA SER B 199 -9.02 17.08 5.80
C SER B 199 -9.85 15.83 5.74
N CYS B 200 -9.91 15.07 6.83
CA CYS B 200 -10.52 13.75 6.86
C CYS B 200 -11.72 13.72 7.76
N TYR B 201 -12.80 13.10 7.32
CA TYR B 201 -14.02 12.98 8.10
C TYR B 201 -14.59 11.58 8.00
N PRO B 202 -15.35 11.12 8.98
CA PRO B 202 -16.06 9.86 8.92
C PRO B 202 -17.43 9.97 8.30
N ASP B 203 -17.84 8.91 7.63
CA ASP B 203 -19.11 8.88 6.88
C ASP B 203 -19.41 7.40 6.70
N SER B 204 -20.47 6.90 7.31
CA SER B 204 -20.87 5.54 7.16
C SER B 204 -19.75 4.52 7.39
N SER B 205 -19.06 4.74 8.51
CA SER B 205 -17.99 3.84 9.04
C SER B 205 -16.67 3.84 8.25
N GLU B 206 -16.58 4.71 7.29
CA GLU B 206 -15.37 4.85 6.44
C GLU B 206 -14.90 6.28 6.46
N ILE B 207 -13.64 6.51 6.17
CA ILE B 207 -13.02 7.79 6.22
C ILE B 207 -12.80 8.30 4.83
N THR B 208 -13.11 9.58 4.58
CA THR B 208 -12.80 10.27 3.35
C THR B 208 -11.92 11.45 3.68
N CYS B 209 -10.80 11.58 3.00
CA CYS B 209 -9.85 12.66 3.15
C CYS B 209 -9.68 13.39 1.82
N VAL B 210 -9.75 14.73 1.86
CA VAL B 210 -9.52 15.63 0.73
C VAL B 210 -8.34 16.49 1.11
N CYS B 211 -7.36 16.50 0.24
CA CYS B 211 -6.04 16.98 0.57
C CYS B 211 -5.52 18.07 -0.37
N ARG B 212 -4.21 18.37 -0.31
CA ARG B 212 -3.55 19.39 -1.07
C ARG B 212 -2.42 18.75 -1.89
N ASP B 213 -2.44 18.90 -3.22
CA ASP B 213 -1.35 18.48 -4.09
C ASP B 213 -0.51 19.71 -4.28
N ASN B 214 0.69 19.71 -3.66
CA ASN B 214 1.59 20.82 -3.71
C ASN B 214 2.56 20.76 -4.88
N TRP B 215 2.55 19.61 -5.55
CA TRP B 215 3.50 19.29 -6.62
C TRP B 215 3.00 19.74 -8.00
N HIS B 216 1.82 19.28 -8.40
CA HIS B 216 1.39 19.46 -9.80
C HIS B 216 -0.07 19.27 -10.04
N GLY B 217 -0.90 19.72 -9.08
CA GLY B 217 -2.34 19.50 -9.13
C GLY B 217 -3.05 20.75 -8.61
N SER B 218 -3.94 21.33 -9.39
CA SER B 218 -4.74 22.49 -8.96
C SER B 218 -6.18 22.07 -8.58
N ASN B 219 -6.53 20.82 -8.82
CA ASN B 219 -7.64 20.13 -8.19
C ASN B 219 -7.09 19.37 -6.96
N ARG B 220 -8.00 18.92 -6.10
CA ARG B 220 -7.59 18.26 -4.86
C ARG B 220 -7.59 16.76 -4.97
N PRO B 221 -6.53 16.13 -4.46
CA PRO B 221 -6.50 14.68 -4.30
C PRO B 221 -7.37 14.21 -3.14
N TRP B 222 -7.83 12.98 -3.21
CA TRP B 222 -8.60 12.38 -2.14
C TRP B 222 -8.14 10.99 -1.90
N VAL B 223 -8.35 10.51 -0.69
CA VAL B 223 -8.12 9.12 -0.30
C VAL B 223 -9.24 8.73 0.63
N SER B 224 -9.87 7.59 0.40
CA SER B 224 -10.92 7.08 1.28
C SER B 224 -10.53 5.68 1.69
N PHE B 225 -10.97 5.25 2.85
CA PHE B 225 -10.56 3.95 3.36
C PHE B 225 -11.52 3.45 4.46
N ASN B 226 -11.54 2.14 4.64
CA ASN B 226 -12.24 1.50 5.69
C ASN B 226 -11.37 1.28 6.91
N GLN B 227 -11.95 0.66 7.95
CA GLN B 227 -11.25 0.48 9.20
C GLN B 227 -10.00 -0.43 9.06
N ASN B 228 -9.98 -1.31 8.06
CA ASN B 228 -8.80 -2.15 7.83
CA ASN B 228 -8.83 -2.21 7.74
C ASN B 228 -7.77 -1.48 6.93
N LEU B 229 -7.99 -0.20 6.61
CA LEU B 229 -7.07 0.58 5.79
C LEU B 229 -7.04 0.11 4.35
N GLU B 230 -8.13 -0.52 3.90
CA GLU B 230 -8.27 -0.76 2.46
C GLU B 230 -8.73 0.55 1.83
N TYR B 231 -7.96 1.11 0.92
CA TYR B 231 -8.14 2.46 0.46
C TYR B 231 -8.43 2.55 -1.06
N GLN B 232 -8.98 3.67 -1.46
CA GLN B 232 -9.10 4.13 -2.82
C GLN B 232 -8.55 5.54 -2.91
N ILE B 233 -8.03 5.91 -4.10
CA ILE B 233 -7.45 7.19 -4.34
C ILE B 233 -8.00 7.77 -5.63
N GLY B 234 -8.00 9.09 -5.72
CA GLY B 234 -8.41 9.81 -6.93
C GLY B 234 -8.16 11.29 -6.75
N TYR B 235 -8.59 12.08 -7.73
CA TYR B 235 -8.66 13.57 -7.65
C TYR B 235 -10.10 13.98 -7.90
N ILE B 236 -10.50 15.06 -7.23
CA ILE B 236 -11.84 15.61 -7.49
C ILE B 236 -11.92 16.03 -8.97
N CYS B 237 -12.94 15.52 -9.68
CA CYS B 237 -12.98 15.65 -11.16
C CYS B 237 -13.48 17.02 -11.61
N SER B 238 -14.23 17.73 -10.76
CA SER B 238 -14.84 19.00 -11.18
C SER B 238 -13.90 19.97 -11.77
N GLY B 239 -14.37 20.68 -12.83
CA GLY B 239 -13.72 21.86 -13.35
C GLY B 239 -13.84 23.11 -12.52
N ILE B 240 -14.57 23.03 -11.41
CA ILE B 240 -14.54 24.03 -10.36
C ILE B 240 -13.33 23.65 -9.51
N PHE B 241 -12.17 24.16 -9.92
CA PHE B 241 -10.90 23.72 -9.33
C PHE B 241 -10.82 24.17 -7.87
N GLY B 242 -10.34 23.26 -6.99
CA GLY B 242 -10.38 23.55 -5.55
C GLY B 242 -9.18 24.17 -4.91
N ASP B 243 -8.00 24.07 -5.48
CA ASP B 243 -6.77 24.56 -4.86
C ASP B 243 -6.57 26.05 -5.03
N ASN B 244 -5.51 26.58 -4.42
CA ASN B 244 -5.04 27.93 -4.64
C ASN B 244 -3.53 27.86 -4.57
N PRO B 245 -2.80 28.23 -5.64
CA PRO B 245 -3.32 28.77 -6.91
C PRO B 245 -4.02 27.74 -7.75
N ARG B 246 -4.66 28.21 -8.81
CA ARG B 246 -5.43 27.34 -9.74
C ARG B 246 -5.66 28.17 -11.05
N PRO B 247 -6.08 27.52 -12.13
CA PRO B 247 -6.58 28.24 -13.29
C PRO B 247 -7.99 28.71 -13.12
N ASN B 248 -8.45 29.57 -14.05
CA ASN B 248 -9.87 29.79 -14.16
C ASN B 248 -10.59 28.46 -14.44
N ASP B 249 -11.84 28.32 -13.97
CA ASP B 249 -12.59 27.14 -14.10
C ASP B 249 -12.76 26.77 -15.59
N LYS B 250 -12.69 25.48 -15.89
CA LYS B 250 -12.82 24.97 -17.24
C LYS B 250 -12.97 23.45 -17.13
N THR B 251 -12.90 22.70 -18.21
CA THR B 251 -13.05 21.26 -18.03
C THR B 251 -11.93 20.71 -17.13
N GLY B 252 -12.33 19.89 -16.15
CA GLY B 252 -11.38 19.35 -15.15
C GLY B 252 -10.84 18.00 -15.55
N SER B 253 -10.25 17.33 -14.55
CA SER B 253 -9.64 16.05 -14.71
C SER B 253 -9.86 15.23 -13.44
N CYS B 254 -9.99 13.93 -13.61
CA CYS B 254 -10.02 13.00 -12.50
C CYS B 254 -8.61 12.58 -12.02
N GLY B 255 -7.60 13.08 -12.70
CA GLY B 255 -6.23 13.09 -12.21
C GLY B 255 -5.73 14.50 -11.96
N PRO B 256 -4.45 14.67 -11.61
CA PRO B 256 -3.95 15.99 -11.25
C PRO B 256 -3.98 16.97 -12.40
N VAL B 257 -4.56 18.13 -12.17
CA VAL B 257 -4.62 19.21 -13.14
C VAL B 257 -3.33 19.99 -13.05
N SER B 258 -2.50 19.87 -14.08
CA SER B 258 -1.14 20.46 -14.06
C SER B 258 -1.13 21.98 -14.07
N SER B 259 -2.07 22.61 -14.78
CA SER B 259 -2.06 24.03 -14.90
C SER B 259 -2.15 24.70 -13.51
N ASN B 260 -1.14 25.53 -13.18
CA ASN B 260 -1.07 26.25 -11.90
C ASN B 260 -1.05 25.25 -10.72
N GLY B 261 -0.53 24.06 -10.96
CA GLY B 261 -0.61 22.95 -10.02
C GLY B 261 0.33 23.02 -8.86
N ALA B 262 1.52 23.57 -9.08
CA ALA B 262 2.51 23.66 -8.02
C ALA B 262 1.96 24.58 -6.92
N ASN B 263 2.46 24.38 -5.70
CA ASN B 263 2.05 25.09 -4.50
CA ASN B 263 2.01 25.14 -4.51
C ASN B 263 0.58 24.74 -4.21
N GLY B 264 -0.05 25.44 -3.27
CA GLY B 264 -1.37 25.03 -2.85
C GLY B 264 -1.76 25.72 -1.55
N VAL B 265 -2.88 25.27 -1.03
CA VAL B 265 -3.39 25.69 0.26
C VAL B 265 -4.14 24.49 0.84
N LYS B 266 -4.08 24.32 2.17
CA LYS B 266 -4.88 23.28 2.77
C LYS B 266 -6.35 23.62 2.56
N GLY B 267 -7.13 22.63 2.21
CA GLY B 267 -8.56 22.74 2.12
C GLY B 267 -9.27 21.51 2.37
N PHE B 268 -10.54 21.47 1.94
CA PHE B 268 -11.43 20.39 2.24
C PHE B 268 -12.52 20.34 1.15
N SER B 269 -13.22 19.22 1.12
CA SER B 269 -14.51 19.07 0.42
C SER B 269 -15.30 17.95 1.03
N PHE B 270 -16.64 17.94 0.83
CA PHE B 270 -17.45 16.92 1.30
C PHE B 270 -18.12 16.18 0.12
N LYS B 271 -17.89 14.86 0.06
CA LYS B 271 -18.47 14.01 -0.99
C LYS B 271 -19.88 13.57 -0.62
N TYR B 272 -20.79 13.67 -1.62
CA TYR B 272 -22.16 13.16 -1.50
C TYR B 272 -22.47 12.43 -2.81
N GLY B 273 -22.09 11.16 -2.85
CA GLY B 273 -22.20 10.36 -4.09
C GLY B 273 -21.31 10.91 -5.18
N ASN B 274 -21.93 11.25 -6.33
CA ASN B 274 -21.25 11.93 -7.42
C ASN B 274 -21.04 13.41 -7.17
N GLY B 275 -21.75 13.97 -6.16
CA GLY B 275 -21.71 15.42 -5.92
C GLY B 275 -20.67 15.79 -4.86
N VAL B 276 -20.45 17.07 -4.75
CA VAL B 276 -19.42 17.59 -3.84
C VAL B 276 -19.77 18.98 -3.41
N TRP B 277 -19.59 19.25 -2.11
CA TRP B 277 -19.54 20.58 -1.55
C TRP B 277 -18.03 20.99 -1.49
N ILE B 278 -17.63 21.96 -2.29
CA ILE B 278 -16.25 22.46 -2.37
C ILE B 278 -16.16 23.76 -1.62
N GLY B 279 -15.26 23.89 -0.67
CA GLY B 279 -14.86 25.21 -0.17
C GLY B 279 -13.59 25.63 -0.81
N ARG B 280 -13.52 26.86 -1.32
CA ARG B 280 -12.28 27.36 -1.95
C ARG B 280 -12.13 28.84 -1.79
N THR B 281 -10.93 29.34 -1.98
CA THR B 281 -10.70 30.77 -2.09
C THR B 281 -11.47 31.34 -3.26
N LYS B 282 -11.71 32.64 -3.22
CA LYS B 282 -12.29 33.31 -4.43
C LYS B 282 -11.25 33.69 -5.47
N SER B 283 -10.09 34.09 -5.04
CA SER B 283 -8.96 34.40 -5.94
C SER B 283 -8.35 33.12 -6.49
N ILE B 284 -8.00 33.13 -7.77
CA ILE B 284 -7.27 32.01 -8.34
C ILE B 284 -5.76 32.04 -8.03
N SER B 285 -5.22 33.16 -7.55
CA SER B 285 -3.77 33.34 -7.45
C SER B 285 -3.27 33.55 -6.02
N SER B 286 -4.16 33.97 -5.09
CA SER B 286 -3.78 34.43 -3.77
CA SER B 286 -3.72 34.28 -3.74
C SER B 286 -4.80 33.88 -2.76
N ARG B 287 -4.41 33.85 -1.50
CA ARG B 287 -5.30 33.38 -0.43
C ARG B 287 -6.24 34.51 -0.03
N ASN B 288 -7.18 34.80 -0.93
CA ASN B 288 -8.17 35.86 -0.74
C ASN B 288 -9.56 35.34 -1.03
N GLY B 289 -10.49 35.71 -0.18
CA GLY B 289 -11.90 35.29 -0.31
C GLY B 289 -12.15 33.85 0.06
N PHE B 290 -13.42 33.48 0.18
CA PHE B 290 -13.80 32.13 0.41
C PHE B 290 -15.27 31.94 0.00
N GLU B 291 -15.56 30.80 -0.57
CA GLU B 291 -16.86 30.45 -1.03
C GLU B 291 -17.12 28.97 -0.90
N MET B 292 -18.38 28.61 -0.75
CA MET B 292 -18.87 27.25 -0.75
C MET B 292 -19.64 26.97 -2.03
N ILE B 293 -19.32 25.88 -2.73
CA ILE B 293 -19.98 25.58 -4.01
C ILE B 293 -20.49 24.18 -3.97
N TRP B 294 -21.77 24.04 -4.31
CA TRP B 294 -22.41 22.70 -4.46
C TRP B 294 -22.39 22.34 -5.93
N ASP B 295 -21.67 21.28 -6.28
CA ASP B 295 -21.57 20.78 -7.66
C ASP B 295 -22.12 19.35 -7.62
N PRO B 296 -23.37 19.13 -8.12
CA PRO B 296 -24.02 17.86 -7.93
C PRO B 296 -23.38 16.66 -8.67
N ASN B 297 -22.46 16.95 -9.62
CA ASN B 297 -21.66 15.90 -10.25
C ASN B 297 -20.17 16.13 -10.19
N GLY B 298 -19.74 17.00 -9.28
CA GLY B 298 -18.35 17.38 -9.29
C GLY B 298 -17.35 16.37 -8.71
N TRP B 299 -17.79 15.36 -7.95
CA TRP B 299 -16.82 14.37 -7.48
C TRP B 299 -16.28 13.57 -8.65
N THR B 300 -17.18 13.16 -9.55
CA THR B 300 -16.82 12.25 -10.62
C THR B 300 -16.92 12.82 -12.02
N GLY B 301 -17.44 14.04 -12.21
CA GLY B 301 -17.65 14.63 -13.50
C GLY B 301 -16.77 15.83 -13.70
N THR B 302 -16.29 16.05 -14.94
CA THR B 302 -15.30 17.06 -15.21
C THR B 302 -15.80 18.43 -15.70
N ASP B 303 -17.11 18.60 -15.83
CA ASP B 303 -17.63 19.91 -16.29
C ASP B 303 -17.41 20.99 -15.26
N ASN B 304 -17.48 22.24 -15.69
CA ASN B 304 -17.34 23.37 -14.74
C ASN B 304 -18.67 24.04 -14.40
N ASN B 305 -19.75 23.27 -14.53
CA ASN B 305 -21.06 23.68 -14.09
C ASN B 305 -21.27 23.33 -12.62
N PHE B 306 -21.98 24.20 -11.92
CA PHE B 306 -22.34 24.02 -10.52
C PHE B 306 -23.71 24.60 -10.24
N SER B 307 -24.31 24.25 -9.08
CA SER B 307 -25.70 24.58 -8.76
C SER B 307 -25.86 25.70 -7.74
N ILE B 308 -25.01 25.74 -6.71
CA ILE B 308 -25.17 26.74 -5.65
C ILE B 308 -23.79 27.29 -5.29
N LYS B 309 -23.69 28.59 -5.07
CA LYS B 309 -22.52 29.22 -4.50
C LYS B 309 -23.01 30.06 -3.31
N GLN B 310 -22.28 29.97 -2.19
CA GLN B 310 -22.54 30.75 -0.98
C GLN B 310 -21.28 31.47 -0.63
N ASP B 311 -21.35 32.79 -0.55
CA ASP B 311 -20.20 33.59 -0.18
C ASP B 311 -19.90 33.49 1.33
N ILE B 312 -18.61 33.49 1.63
CA ILE B 312 -18.12 33.35 3.01
C ILE B 312 -17.19 34.46 3.40
N VAL B 313 -16.20 34.76 2.52
CA VAL B 313 -15.28 35.87 2.70
C VAL B 313 -15.13 36.57 1.34
N GLY B 314 -15.21 37.88 1.33
CA GLY B 314 -15.15 38.59 0.05
C GLY B 314 -13.82 38.51 -0.66
N ILE B 315 -13.84 38.67 -1.98
CA ILE B 315 -12.65 38.46 -2.78
C ILE B 315 -11.49 39.34 -2.42
N ASN B 316 -11.72 40.56 -1.91
CA ASN B 316 -10.63 41.44 -1.54
C ASN B 316 -10.14 41.24 -0.13
N GLU B 317 -10.66 40.25 0.59
CA GLU B 317 -10.27 40.04 1.98
C GLU B 317 -9.40 38.80 2.12
N TRP B 318 -8.55 38.82 3.14
CA TRP B 318 -7.63 37.70 3.39
C TRP B 318 -8.34 36.44 3.84
N SER B 319 -7.97 35.32 3.27
CA SER B 319 -8.37 34.04 3.79
C SER B 319 -7.09 33.23 4.06
N GLY B 320 -7.11 31.92 3.81
CA GLY B 320 -6.05 31.07 4.31
C GLY B 320 -6.43 29.62 4.21
N TYR B 321 -5.94 28.84 5.16
CA TYR B 321 -6.31 27.43 5.26
C TYR B 321 -7.80 27.26 5.54
N SER B 322 -8.30 26.09 5.19
CA SER B 322 -9.64 25.67 5.59
C SER B 322 -9.65 24.19 5.87
N GLY B 323 -10.58 23.71 6.64
CA GLY B 323 -10.63 22.30 6.98
C GLY B 323 -12.04 21.88 7.40
N SER B 324 -12.33 20.60 7.26
CA SER B 324 -13.58 20.02 7.75
C SER B 324 -13.47 19.84 9.25
N PHE B 325 -14.63 19.90 9.90
CA PHE B 325 -14.83 19.19 11.15
C PHE B 325 -16.26 18.68 11.22
N VAL B 326 -16.48 17.61 11.96
CA VAL B 326 -17.82 17.06 12.11
C VAL B 326 -18.38 17.15 13.51
N GLN B 327 -19.72 17.04 13.57
CA GLN B 327 -20.41 16.88 14.81
C GLN B 327 -21.17 15.60 14.76
N HIS B 328 -20.78 14.65 15.63
CA HIS B 328 -21.39 13.37 15.64
C HIS B 328 -22.77 13.37 16.30
N PRO B 329 -23.60 12.39 16.01
CA PRO B 329 -24.91 12.24 16.70
C PRO B 329 -24.79 12.24 18.21
N GLU B 330 -23.69 11.72 18.77
CA GLU B 330 -23.50 11.69 20.21
C GLU B 330 -23.46 13.08 20.82
N LEU B 331 -23.06 14.05 20.02
CA LEU B 331 -23.05 15.44 20.41
C LEU B 331 -24.36 16.15 20.08
N THR B 332 -24.94 15.90 18.91
CA THR B 332 -26.02 16.75 18.42
C THR B 332 -27.41 16.14 18.69
N GLY B 333 -27.47 14.83 18.90
CA GLY B 333 -28.78 14.16 18.86
C GLY B 333 -29.42 13.86 17.52
N LEU B 334 -28.76 14.21 16.44
CA LEU B 334 -29.22 13.97 15.11
C LEU B 334 -28.98 12.50 14.75
N ASP B 335 -29.49 12.09 13.58
CA ASP B 335 -29.34 10.72 13.08
C ASP B 335 -28.29 10.59 11.96
N CYS B 336 -27.45 11.62 11.81
CA CYS B 336 -26.45 11.70 10.78
C CYS B 336 -25.27 12.49 11.35
N ILE B 337 -24.13 12.38 10.69
CA ILE B 337 -22.90 13.13 11.02
C ILE B 337 -22.95 14.49 10.35
N ARG B 338 -22.93 15.54 11.16
CA ARG B 338 -23.08 16.87 10.61
C ARG B 338 -21.73 17.40 10.09
N PRO B 339 -21.68 17.87 8.85
CA PRO B 339 -20.47 18.50 8.36
C PRO B 339 -20.39 19.97 8.76
N CYS B 340 -19.20 20.40 9.14
CA CYS B 340 -18.90 21.78 9.45
C CYS B 340 -17.57 22.11 8.81
N PHE B 341 -17.18 23.39 8.77
CA PHE B 341 -15.85 23.77 8.30
C PHE B 341 -15.38 25.00 8.98
N TRP B 342 -14.07 25.19 8.97
CA TRP B 342 -13.43 26.41 9.47
C TRP B 342 -12.56 27.01 8.39
N VAL B 343 -12.36 28.33 8.49
CA VAL B 343 -11.44 29.06 7.65
C VAL B 343 -10.48 29.84 8.53
N GLU B 344 -9.20 29.76 8.19
CA GLU B 344 -8.12 30.54 8.78
C GLU B 344 -7.96 31.84 7.96
N LEU B 345 -7.94 32.98 8.64
CA LEU B 345 -7.86 34.27 8.00
C LEU B 345 -6.46 34.78 8.33
N ILE B 346 -5.54 34.56 7.40
CA ILE B 346 -4.10 34.84 7.61
C ILE B 346 -3.81 36.30 7.45
N ARG B 347 -3.13 36.89 8.45
CA ARG B 347 -2.70 38.28 8.43
C ARG B 347 -1.18 38.35 8.56
N GLY B 348 -0.62 39.36 7.94
CA GLY B 348 0.80 39.66 8.03
C GLY B 348 1.59 39.15 6.87
N ARG B 349 2.76 38.57 7.13
CA ARG B 349 3.60 38.09 6.01
C ARG B 349 3.05 36.83 5.36
N PRO B 350 3.26 36.65 4.05
CA PRO B 350 4.09 37.47 3.17
C PRO B 350 3.40 38.67 2.52
N LYS B 351 2.07 38.77 2.60
CA LYS B 351 1.35 39.73 1.76
C LYS B 351 1.30 41.12 2.35
N GLU B 352 1.55 41.26 3.65
CA GLU B 352 1.41 42.53 4.33
C GLU B 352 2.74 42.94 4.98
N ASN B 353 2.92 44.21 5.24
CA ASN B 353 4.24 44.76 5.65
C ASN B 353 4.40 44.76 7.16
N THR B 354 4.54 43.54 7.69
CA THR B 354 4.65 43.32 9.15
C THR B 354 5.86 42.44 9.44
N ILE B 355 6.22 42.37 10.70
CA ILE B 355 7.26 41.45 11.12
C ILE B 355 6.75 40.06 11.38
N TRP B 356 5.41 39.88 11.41
CA TRP B 356 4.80 38.68 11.94
C TRP B 356 3.76 38.12 10.94
N THR B 357 3.36 36.90 11.19
CA THR B 357 2.24 36.27 10.54
C THR B 357 1.37 35.61 11.61
N SER B 358 0.03 35.79 11.53
CA SER B 358 -0.87 35.18 12.47
C SER B 358 -2.24 35.08 11.82
N GLY B 359 -3.13 34.33 12.41
CA GLY B 359 -4.46 34.21 11.88
C GLY B 359 -5.54 34.33 12.92
N SER B 360 -6.73 34.61 12.39
CA SER B 360 -7.97 34.43 13.12
C SER B 360 -8.81 33.35 12.43
N SER B 361 -10.02 33.08 12.92
CA SER B 361 -10.81 32.05 12.31
C SER B 361 -12.29 32.36 12.32
N ILE B 362 -12.97 31.71 11.41
CA ILE B 362 -14.42 31.64 11.35
C ILE B 362 -14.80 30.17 11.15
N SER B 363 -16.03 29.78 11.52
CA SER B 363 -16.52 28.48 11.20
C SER B 363 -18.00 28.48 10.94
N PHE B 364 -18.45 27.43 10.26
CA PHE B 364 -19.82 27.28 9.80
C PHE B 364 -20.21 25.85 9.96
N CYS B 365 -21.53 25.58 10.12
CA CYS B 365 -22.04 24.21 10.10
C CYS B 365 -23.13 24.10 9.04
N GLY B 366 -23.17 22.92 8.42
CA GLY B 366 -24.16 22.65 7.39
C GLY B 366 -25.53 22.45 7.99
N VAL B 367 -26.53 23.04 7.32
CA VAL B 367 -27.93 22.91 7.73
C VAL B 367 -28.78 22.68 6.47
N ASN B 368 -30.01 22.24 6.68
CA ASN B 368 -31.06 22.25 5.66
C ASN B 368 -32.14 23.30 5.83
N SER B 369 -31.82 24.30 6.59
CA SER B 369 -32.70 25.41 6.82
C SER B 369 -32.10 26.62 6.11
N ASP B 370 -32.74 27.78 6.19
CA ASP B 370 -32.31 28.90 5.39
C ASP B 370 -30.94 29.46 5.87
N THR B 371 -30.13 29.90 4.90
CA THR B 371 -28.82 30.46 5.13
C THR B 371 -28.60 31.68 4.21
N VAL B 372 -27.45 32.35 4.34
CA VAL B 372 -27.17 33.46 3.49
C VAL B 372 -25.66 33.62 3.32
N GLY B 373 -25.26 34.10 2.16
CA GLY B 373 -23.89 34.50 1.89
C GLY B 373 -23.56 35.86 2.46
N TRP B 374 -22.30 36.06 2.87
CA TRP B 374 -21.84 37.38 3.30
C TRP B 374 -20.32 37.33 3.27
N SER B 375 -19.70 38.31 3.90
CA SER B 375 -18.25 38.30 4.14
C SER B 375 -18.01 38.53 5.61
N TRP B 376 -17.32 37.56 6.23
CA TRP B 376 -16.92 37.66 7.61
C TRP B 376 -15.38 37.66 7.71
N PRO B 377 -14.75 38.77 7.39
CA PRO B 377 -13.28 38.78 7.26
C PRO B 377 -12.62 38.97 8.63
N ASP B 378 -11.30 39.05 8.60
CA ASP B 378 -10.56 39.16 9.84
C ASP B 378 -10.81 40.50 10.52
N GLY B 379 -10.66 41.58 9.79
CA GLY B 379 -10.99 42.94 10.25
C GLY B 379 -9.92 43.69 11.01
N ALA B 380 -8.73 43.12 11.19
CA ALA B 380 -7.65 43.90 11.85
C ALA B 380 -7.09 44.94 10.91
N GLU B 381 -6.58 46.02 11.50
CA GLU B 381 -5.97 47.09 10.76
C GLU B 381 -4.45 46.96 10.94
N LEU B 382 -3.78 46.56 9.87
CA LEU B 382 -2.32 46.44 9.83
C LEU B 382 -1.69 47.62 9.13
N PRO B 383 -0.45 47.94 9.47
CA PRO B 383 0.39 47.26 10.46
C PRO B 383 -0.02 47.55 11.89
N PHE B 384 0.56 46.79 12.81
CA PHE B 384 0.43 47.04 14.24
C PHE B 384 1.58 47.90 14.80
N THR B 385 1.46 48.26 16.07
CA THR B 385 2.44 49.04 16.81
C THR B 385 3.85 48.44 16.71
N ILE B 386 3.96 47.10 16.76
CA ILE B 386 5.26 46.47 16.79
C ILE B 386 5.98 46.51 15.45
N ASP B 387 5.29 46.80 14.37
CA ASP B 387 5.81 46.71 13.03
C ASP B 387 6.59 47.95 12.61
C1 NAG C . 21.20 -1.88 -19.65
C2 NAG C . 21.19 -0.65 -20.54
C3 NAG C . 22.61 -0.41 -21.11
C4 NAG C . 23.67 -0.50 -20.00
C5 NAG C . 23.53 -1.80 -19.19
C6 NAG C . 24.56 -2.04 -18.06
C7 NAG C . 19.83 -1.71 -22.44
C8 NAG C . 18.45 -1.81 -23.02
N2 NAG C . 19.97 -0.86 -21.38
O3 NAG C . 22.62 0.90 -21.69
O4 NAG C . 24.96 -0.44 -20.61
O5 NAG C . 22.20 -1.78 -18.62
O6 NAG C . 24.69 -0.95 -17.15
O7 NAG C . 20.74 -2.36 -22.94
C1 NAG C . 25.77 0.63 -20.05
C2 NAG C . 27.21 0.35 -20.48
C3 NAG C . 28.14 1.51 -20.04
C4 NAG C . 27.59 2.92 -20.30
C5 NAG C . 26.12 2.98 -19.81
C6 NAG C . 25.46 4.35 -20.00
C7 NAG C . 27.80 -2.06 -20.68
C8 NAG C . 28.41 -3.27 -20.06
N2 NAG C . 27.75 -0.93 -19.97
O3 NAG C . 29.40 1.33 -20.70
O4 NAG C . 28.42 3.92 -19.65
O5 NAG C . 25.35 1.95 -20.48
O6 NAG C . 25.11 4.48 -21.39
O7 NAG C . 27.36 -2.14 -21.82
C1 NAG D . 4.12 -44.11 10.54
C2 NAG D . 4.32 -45.55 11.07
C3 NAG D . 3.18 -45.96 11.97
C4 NAG D . 2.98 -44.88 13.04
C5 NAG D . 2.68 -43.55 12.34
C6 NAG D . 2.32 -42.37 13.25
C7 NAG D . 5.52 -47.01 9.44
C8 NAG D . 5.32 -47.95 8.29
N2 NAG D . 4.38 -46.49 9.97
O3 NAG D . 3.47 -47.25 12.56
O4 NAG D . 1.88 -45.28 13.86
O5 NAG D . 3.86 -43.18 11.57
O6 NAG D . 3.30 -42.25 14.30
O7 NAG D . 6.65 -46.71 9.85
C1 NAG D . 2.24 -45.58 15.24
C2 NAG D . 0.95 -45.60 16.05
C3 NAG D . 1.06 -46.16 17.48
C4 NAG D . 2.10 -47.26 17.65
C5 NAG D . 3.29 -47.22 16.67
C6 NAG D . 3.97 -48.59 16.57
C7 NAG D . -0.43 -43.73 15.30
C8 NAG D . -0.70 -42.24 15.55
N2 NAG D . 0.49 -44.22 16.11
O3 NAG D . -0.23 -46.69 17.83
O4 NAG D . 2.55 -47.20 19.03
O5 NAG D . 2.88 -46.87 15.31
O6 NAG D . 3.06 -49.55 16.02
O7 NAG D . -0.99 -44.42 14.44
C1 NAG E . 12.42 42.33 13.73
C2 NAG E . 12.72 43.57 14.56
C3 NAG E . 13.31 44.62 13.66
C4 NAG E . 14.51 44.04 12.90
C5 NAG E . 14.09 42.76 12.13
C6 NAG E . 15.22 42.06 11.36
C7 NAG E . 11.29 43.85 16.54
C8 NAG E . 10.12 44.55 17.21
N2 NAG E . 11.55 44.15 15.27
O3 NAG E . 13.69 45.78 14.46
O4 NAG E . 14.88 45.07 11.97
O5 NAG E . 13.56 41.81 13.05
O6 NAG E . 16.30 41.80 12.23
O7 NAG E . 11.95 43.01 17.15
C1 NAG E . 16.30 45.26 11.92
C2 NAG E . 16.65 46.08 10.69
C3 NAG E . 18.17 46.14 10.65
C4 NAG E . 18.74 46.64 11.98
C5 NAG E . 18.13 46.01 13.21
C6 NAG E . 18.41 46.81 14.50
C7 NAG E . 15.04 45.90 8.84
C8 NAG E . 14.66 45.19 7.56
N2 NAG E . 16.16 45.47 9.46
O3 NAG E . 18.52 47.07 9.62
O4 NAG E . 20.14 46.28 12.10
O5 NAG E . 16.70 45.97 13.09
O6 NAG E . 17.87 48.14 14.34
O7 NAG E . 14.38 46.83 9.27
C1 BMA E . 21.00 47.41 11.92
C2 BMA E . 22.36 46.98 12.42
C3 BMA E . 23.35 48.08 12.11
C4 BMA E . 23.30 48.50 10.65
C5 BMA E . 21.86 48.93 10.33
C6 BMA E . 21.62 49.51 8.94
O2 BMA E . 22.71 45.77 11.72
O3 BMA E . 24.66 47.55 12.40
O4 BMA E . 24.22 49.61 10.45
O5 BMA E . 21.03 47.78 10.53
O6 BMA E . 22.07 48.50 8.05
C1 MAN E . 25.47 48.49 13.13
C2 MAN E . 26.90 48.03 12.97
C3 MAN E . 27.07 46.68 13.68
C4 MAN E . 26.68 46.85 15.17
C5 MAN E . 25.20 47.28 15.24
C6 MAN E . 24.73 47.54 16.69
O2 MAN E . 27.73 49.10 13.56
O3 MAN E . 28.43 46.17 13.51
O4 MAN E . 26.79 45.56 15.76
O5 MAN E . 25.06 48.55 14.51
O6 MAN E . 25.46 48.64 17.25
CA CA F . -7.60 -21.27 -6.83
CA CA G . -7.25 -15.74 -26.19
C1 G39 H . 0.05 -27.50 -1.48
O1A G39 H . 0.56 -28.54 -1.89
O1B G39 H . -1.04 -27.07 -1.98
C2 G39 H . 0.72 -26.74 -0.45
C3 G39 H . 2.09 -27.22 0.02
C4 G39 H . 2.90 -26.05 0.63
C5 G39 H . 2.02 -25.26 1.64
N5 G39 H . 2.86 -24.20 2.23
C10 G39 H . 3.18 -24.15 3.52
O10 G39 H . 2.80 -24.99 4.33
C11 G39 H . 4.06 -22.98 3.93
C6 G39 H . 0.92 -24.58 0.83
C7 G39 H . 0.19 -25.56 -0.05
O7 G39 H . -0.03 -23.98 1.72
C8 G39 H . 0.01 -22.52 1.72
C9 G39 H . -0.43 -21.92 0.34
C81 G39 H . -0.73 -22.14 2.98
C82 G39 H . 0.02 -22.58 4.23
C91 G39 H . -1.81 -22.23 0.10
N4 G39 H . 4.08 -26.63 1.32
C1 NAG I . 22.00 0.86 -10.57
C2 NAG I . 21.54 2.21 -11.13
C3 NAG I . 22.57 3.30 -10.81
C4 NAG I . 22.97 3.28 -9.32
C5 NAG I . 23.46 1.86 -8.96
C6 NAG I . 23.93 1.73 -7.50
C7 NAG I . 20.21 2.17 -13.24
C8 NAG I . 20.30 1.91 -14.72
N2 NAG I . 21.36 2.04 -12.58
O3 NAG I . 21.95 4.54 -11.14
O4 NAG I . 23.94 4.31 -8.97
O5 NAG I . 22.35 0.99 -9.16
O6 NAG I . 22.85 2.12 -6.63
O7 NAG I . 19.18 2.52 -12.65
C1 EDO J . 24.81 -24.22 -16.95
O1 EDO J . 25.67 -23.25 -16.42
C2 EDO J . 23.66 -24.43 -16.09
O2 EDO J . 24.10 -24.96 -14.83
C1 EDO K . 7.73 -35.51 8.63
O1 EDO K . 9.02 -35.35 9.27
C2 EDO K . 6.63 -35.04 9.58
O2 EDO K . 6.78 -33.65 9.74
C1 EDO L . 4.90 3.39 -3.11
O1 EDO L . 4.04 3.67 -4.21
C2 EDO L . 4.76 2.02 -2.56
O2 EDO L . 3.84 1.11 -3.16
C1 EDO M . -4.29 -38.62 2.27
O1 EDO M . -2.95 -38.17 2.78
C2 EDO M . -4.56 -40.11 1.99
O2 EDO M . -4.48 -40.67 0.62
C1 EDO N . 28.94 -32.71 -10.43
O1 EDO N . 28.23 -31.96 -9.44
C2 EDO N . 28.85 -34.19 -10.07
O2 EDO N . 29.24 -34.55 -8.76
C1 EDO O . 28.81 -19.90 5.52
O1 EDO O . 29.44 -21.22 5.45
C2 EDO O . 29.30 -19.17 4.28
O2 EDO O . 28.66 -19.81 3.14
C1 EDO P . -6.21 -41.47 -7.47
O1 EDO P . -6.52 -40.26 -8.12
C2 EDO P . -4.78 -41.59 -7.09
O2 EDO P . -4.27 -42.90 -7.02
CA CA Q . -1.55 22.60 -6.02
CA CA R . -20.52 19.97 -12.37
C1 G39 S . 1.66 27.05 3.74
O1A G39 S . 1.46 26.82 2.53
O1B G39 S . 1.21 28.08 4.26
C2 G39 S . 2.31 26.05 4.57
C3 G39 S . 2.38 26.29 6.07
C4 G39 S . 2.65 24.98 6.81
C5 G39 S . 3.77 24.19 6.17
N5 G39 S . 3.98 22.97 6.96
C10 G39 S . 5.08 22.71 7.67
O10 G39 S . 6.05 23.43 7.65
C11 G39 S . 5.06 21.42 8.45
C6 G39 S . 3.30 23.76 4.81
C7 G39 S . 2.78 24.92 4.02
O7 G39 S . 4.36 23.15 4.06
C8 G39 S . 4.22 21.72 3.88
C9 G39 S . 3.02 21.35 2.96
C81 G39 S . 5.60 21.24 3.46
C82 G39 S . 6.56 21.38 4.65
C91 G39 S . 3.21 21.83 1.56
N4 G39 S . 2.98 25.33 8.24
C1 NAG T . -24.74 2.18 14.29
C2 NAG T . -25.69 1.06 13.92
C3 NAG T . -26.63 0.75 15.12
C4 NAG T . -25.89 0.54 16.46
C5 NAG T . -25.01 1.77 16.65
C6 NAG T . -24.24 1.85 17.98
C7 NAG T . -27.05 2.20 11.97
C8 NAG T . -26.79 3.67 12.09
N2 NAG T . -26.54 1.21 12.73
O3 NAG T . -27.39 -0.44 14.82
O4 NAG T . -26.82 0.32 17.55
O5 NAG T . -24.12 1.76 15.53
O6 NAG T . -23.64 0.59 18.28
O7 NAG T . -27.79 1.84 11.07
C1 NAG U . -16.83 -1.92 17.44
C2 NAG U . -17.35 -3.12 16.64
C3 NAG U . -17.50 -4.36 17.55
C4 NAG U . -16.24 -4.66 18.39
C5 NAG U . -15.80 -3.36 19.12
C6 NAG U . -14.47 -3.53 19.84
C7 NAG U . -18.89 -2.62 14.74
C8 NAG U . -20.32 -2.28 14.37
N2 NAG U . -18.65 -2.78 16.04
O3 NAG U . -17.83 -5.47 16.72
O4 NAG U . -16.38 -5.77 19.32
O5 NAG U . -15.63 -2.31 18.13
O6 NAG U . -13.54 -4.01 18.85
O7 NAG U . -18.03 -2.73 13.88
CA CA V . -1.92 43.96 29.66
C1 EDO W . -4.15 -2.20 3.41
O1 EDO W . -4.17 -1.18 2.40
C2 EDO W . -4.52 -3.53 2.86
O2 EDO W . -5.54 -3.56 1.89
C1 EDO X . 9.61 32.60 15.06
O1 EDO X . 9.77 32.24 16.46
C2 EDO X . 10.82 32.14 14.27
O2 EDO X . 10.84 30.71 14.28
C1 EDO Y . 9.18 19.88 2.74
O1 EDO Y . 9.42 21.03 1.93
C2 EDO Y . 10.02 18.72 2.36
O2 EDO Y . 11.37 19.27 2.26
#